data_8PVR
#
_entry.id   8PVR
#
_cell.length_a   1.00
_cell.length_b   1.00
_cell.length_c   1.00
_cell.angle_alpha   90.00
_cell.angle_beta   90.00
_cell.angle_gamma   90.00
#
_symmetry.space_group_name_H-M   'P 1'
#
loop_
_entity.id
_entity.type
_entity.pdbx_description
1 polymer 'Sodium/hydrogen exchanger 9'
2 non-polymer '(2R)-3-{[(S)-hydroxy{[(1S,2R,3R,4S,5S,6R)-2,4,6-trihydroxy-3,5-bis(phosphonooxy)cyclohexyl]oxy}phosphoryl]oxy}propane-1,2-diyl dioctanoate'
#
_entity_poly.entity_id   1
_entity_poly.type   'polypeptide(L)'
_entity_poly.pdbx_seq_one_letter_code
;MSEKDEYQFQHQGAVELLVFNFLLILTILTIWLFKNHRFRFLHETGGAMVYGLIMGLILRYATAPTDIESGTVYDCGKLA
FSPSTLLINITDQVYEYKYKREISQHNINPHLGNAILEKMTFDPEIFFNVLCPPIIFHAGYSLKKRHFFQNLGSILTYAF
LGTAISCIVIGLIMYGFVKAMVYAGQLKNGDFHFTDCLFFGSLMSATDPVTVLAIFHELHVDPDLYTLLFGESVLNDAVA
IVLTYSISIYSPKENPNAFDAAAFFQSVGNFLGIFAGSFAMGSAYAVVTALLTKFTKLCEFPMLETGLFFLLSWSAFLSA
EAAGLTGIVAVLFCGVTQAHYTYNNLSLDSKMRTKQLFEFMNFLAENVIFCYMGLALFTFQNHIFNALFILGAFLAIFVA
RACNIYPLSFLLNLGRKHKIPWNFQHMMMFSGLRGACAFALAIRDTESQPKQMMFSTTLLLVFFTVWVFGGGTTPMLTWL
QIRVGVDLDEDLKERPSSHQEANNLEKSTTKTESAWLFRMWYGFDHKYLKPILTHSGPPLTTTLPEWCGPISRLLTSPQA
YGEQLKEGENLYFQ
;
_entity_poly.pdbx_strand_id   B,A
#
# COMPACT_ATOMS: atom_id res chain seq x y z
N GLN A 10 -15.83 -10.98 9.11
CA GLN A 10 -15.34 -9.72 8.58
C GLN A 10 -16.45 -8.99 7.83
N HIS A 11 -16.18 -8.67 6.56
CA HIS A 11 -17.14 -8.00 5.67
C HIS A 11 -17.46 -6.58 6.13
N GLN A 12 -16.44 -5.83 6.54
CA GLN A 12 -16.62 -4.40 6.78
C GLN A 12 -15.82 -3.59 5.78
N GLY A 13 -14.51 -3.82 5.73
CA GLY A 13 -13.67 -3.08 4.79
C GLY A 13 -13.87 -3.52 3.36
N ALA A 14 -14.28 -4.78 3.17
CA ALA A 14 -14.48 -5.29 1.82
C ALA A 14 -15.57 -4.52 1.08
N VAL A 15 -16.67 -4.20 1.77
CA VAL A 15 -17.77 -3.50 1.13
C VAL A 15 -17.35 -2.11 0.66
N GLU A 16 -16.69 -1.35 1.54
CA GLU A 16 -16.29 0.00 1.17
C GLU A 16 -15.20 -0.02 0.10
N LEU A 17 -14.28 -0.99 0.16
CA LEU A 17 -13.25 -1.10 -0.88
C LEU A 17 -13.88 -1.43 -2.22
N LEU A 18 -14.88 -2.33 -2.23
CA LEU A 18 -15.56 -2.66 -3.47
C LEU A 18 -16.33 -1.46 -4.01
N VAL A 19 -16.94 -0.68 -3.12
CA VAL A 19 -17.65 0.52 -3.55
C VAL A 19 -16.68 1.52 -4.18
N PHE A 20 -15.52 1.71 -3.56
CA PHE A 20 -14.51 2.60 -4.12
C PHE A 20 -14.04 2.12 -5.48
N ASN A 21 -13.81 0.81 -5.63
CA ASN A 21 -13.38 0.25 -6.91
C ASN A 21 -14.45 0.46 -7.97
N PHE A 22 -15.72 0.23 -7.63
CA PHE A 22 -16.81 0.43 -8.58
C PHE A 22 -16.90 1.88 -9.01
N LEU A 23 -16.78 2.82 -8.06
CA LEU A 23 -16.83 4.23 -8.39
C LEU A 23 -15.67 4.62 -9.30
N LEU A 24 -14.47 4.12 -9.01
CA LEU A 24 -13.32 4.45 -9.85
C LEU A 24 -13.47 3.87 -11.26
N ILE A 25 -13.99 2.65 -11.37
CA ILE A 25 -14.20 2.05 -12.68
C ILE A 25 -15.23 2.84 -13.48
N LEU A 26 -16.32 3.25 -12.84
CA LEU A 26 -17.32 4.06 -13.51
C LEU A 26 -16.73 5.39 -13.95
N THR A 27 -15.91 6.01 -13.10
CA THR A 27 -15.27 7.27 -13.45
C THR A 27 -14.38 7.12 -14.67
N ILE A 28 -13.57 6.05 -14.70
CA ILE A 28 -12.68 5.82 -15.85
C ILE A 28 -13.49 5.59 -17.11
N LEU A 29 -14.56 4.80 -17.02
CA LEU A 29 -15.38 4.53 -18.20
C LEU A 29 -16.03 5.80 -18.72
N THR A 30 -16.55 6.64 -17.83
CA THR A 30 -17.16 7.90 -18.26
C THR A 30 -16.13 8.85 -18.84
N ILE A 31 -14.90 8.86 -18.29
CA ILE A 31 -13.85 9.69 -18.84
C ILE A 31 -13.51 9.25 -20.26
N TRP A 32 -13.40 7.94 -20.48
CA TRP A 32 -13.16 7.44 -21.83
C TRP A 32 -14.29 7.81 -22.77
N LEU A 33 -15.54 7.69 -22.30
CA LEU A 33 -16.68 8.04 -23.14
C LEU A 33 -16.65 9.52 -23.52
N PHE A 34 -16.31 10.39 -22.56
CA PHE A 34 -16.23 11.82 -22.85
C PHE A 34 -15.09 12.13 -23.81
N LYS A 35 -13.93 11.50 -23.63
CA LYS A 35 -12.79 11.79 -24.47
C LYS A 35 -12.94 11.20 -25.87
N ASN A 36 -13.77 10.17 -26.03
CA ASN A 36 -13.97 9.59 -27.36
C ASN A 36 -14.70 10.58 -28.28
N HIS A 37 -15.69 11.29 -27.75
CA HIS A 37 -16.43 12.29 -28.51
C HIS A 37 -15.80 13.67 -28.45
N ARG A 38 -14.67 13.82 -27.75
CA ARG A 38 -13.96 15.10 -27.64
C ARG A 38 -14.85 16.19 -27.06
N PHE A 39 -15.77 15.82 -26.16
CA PHE A 39 -16.64 16.82 -25.54
C PHE A 39 -15.86 17.71 -24.58
N ARG A 40 -14.87 17.15 -23.89
CA ARG A 40 -14.00 17.88 -22.96
C ARG A 40 -14.90 18.48 -21.86
N PHE A 41 -14.61 19.69 -21.39
CA PHE A 41 -15.39 20.41 -20.40
C PHE A 41 -15.46 19.70 -19.06
N LEU A 42 -14.66 18.66 -18.85
CA LEU A 42 -14.66 17.92 -17.58
C LEU A 42 -13.42 17.04 -17.53
N HIS A 43 -12.78 17.01 -16.37
CA HIS A 43 -11.60 16.19 -16.13
C HIS A 43 -11.98 14.97 -15.29
N GLU A 44 -11.05 14.03 -15.20
CA GLU A 44 -11.28 12.84 -14.39
C GLU A 44 -11.46 13.18 -12.91
N THR A 45 -10.79 14.23 -12.45
CA THR A 45 -10.98 14.68 -11.06
C THR A 45 -12.41 15.14 -10.83
N GLY A 46 -12.95 15.94 -11.76
CA GLY A 46 -14.32 16.38 -11.63
C GLY A 46 -15.31 15.22 -11.71
N GLY A 47 -15.03 14.25 -12.58
CA GLY A 47 -15.87 13.08 -12.66
C GLY A 47 -15.87 12.27 -11.38
N ALA A 48 -14.69 12.08 -10.78
CA ALA A 48 -14.62 11.39 -9.50
C ALA A 48 -15.37 12.16 -8.42
N MET A 49 -15.25 13.49 -8.42
CA MET A 49 -15.95 14.30 -7.43
C MET A 49 -17.46 14.17 -7.57
N VAL A 50 -17.97 14.28 -8.80
CA VAL A 50 -19.42 14.20 -8.99
C VAL A 50 -19.92 12.80 -8.71
N TYR A 51 -19.14 11.76 -9.03
CA TYR A 51 -19.57 10.41 -8.71
C TYR A 51 -19.60 10.19 -7.21
N GLY A 52 -18.61 10.71 -6.48
CA GLY A 52 -18.65 10.62 -5.03
C GLY A 52 -19.85 11.35 -4.44
N LEU A 53 -20.15 12.53 -4.98
CA LEU A 53 -21.32 13.28 -4.51
C LEU A 53 -22.61 12.51 -4.76
N ILE A 54 -22.75 11.92 -5.95
CA ILE A 54 -23.94 11.15 -6.27
C ILE A 54 -24.05 9.92 -5.38
N MET A 55 -22.93 9.24 -5.13
CA MET A 55 -22.95 8.06 -4.26
C MET A 55 -23.39 8.46 -2.85
N GLY A 56 -22.83 9.55 -2.33
CA GLY A 56 -23.24 10.01 -1.01
C GLY A 56 -24.70 10.39 -0.96
N LEU A 57 -25.20 11.06 -2.00
CA LEU A 57 -26.60 11.47 -2.03
C LEU A 57 -27.53 10.26 -2.03
N ILE A 58 -27.22 9.26 -2.86
CA ILE A 58 -28.07 8.07 -2.95
C ILE A 58 -27.90 7.17 -1.73
N LEU A 59 -26.80 7.31 -1.00
CA LEU A 59 -26.60 6.48 0.19
C LEU A 59 -27.28 7.09 1.42
N ARG A 60 -27.24 8.42 1.54
CA ARG A 60 -27.83 9.06 2.71
C ARG A 60 -29.35 8.90 2.74
N TYR A 61 -30.00 9.03 1.58
CA TYR A 61 -31.45 9.00 1.48
C TYR A 61 -31.98 7.67 0.96
N ALA A 62 -31.38 6.56 1.36
CA ALA A 62 -31.81 5.23 0.93
C ALA A 62 -32.47 4.46 2.07
N THR A 63 -31.76 4.25 3.18
CA THR A 63 -32.31 3.53 4.31
C THR A 63 -32.31 4.41 5.56
N ALA A 64 -32.77 5.65 5.42
CA ALA A 64 -32.80 6.57 6.56
C ALA A 64 -33.67 6.07 7.70
N PRO A 65 -34.92 5.60 7.47
CA PRO A 65 -35.70 5.08 8.60
C PRO A 65 -35.14 3.77 9.13
N THR A 66 -34.59 3.80 10.34
CA THR A 66 -34.02 2.61 10.97
C THR A 66 -34.10 2.78 12.48
N ASP A 67 -33.48 1.85 13.21
CA ASP A 67 -33.50 1.88 14.66
C ASP A 67 -32.52 2.92 15.18
N ILE A 68 -32.67 3.25 16.46
CA ILE A 68 -31.80 4.20 17.15
C ILE A 68 -30.85 3.41 18.04
N GLU A 69 -29.55 3.60 17.84
CA GLU A 69 -28.53 2.90 18.60
C GLU A 69 -27.83 3.89 19.52
N SER A 70 -27.82 3.57 20.82
CA SER A 70 -27.17 4.39 21.82
C SER A 70 -26.13 3.57 22.57
N GLY A 71 -24.93 4.13 22.73
CA GLY A 71 -23.87 3.41 23.40
C GLY A 71 -24.09 3.31 24.90
N THR A 72 -23.44 2.31 25.49
CA THR A 72 -23.55 2.09 26.92
C THR A 72 -22.79 3.16 27.68
N VAL A 73 -23.26 3.45 28.90
CA VAL A 73 -22.65 4.44 29.77
C VAL A 73 -22.12 3.71 31.00
N TYR A 74 -20.82 3.85 31.25
CA TYR A 74 -20.16 3.23 32.38
C TYR A 74 -19.55 4.31 33.27
N ASP A 75 -19.86 4.25 34.57
CA ASP A 75 -19.34 5.21 35.53
C ASP A 75 -18.02 4.69 36.06
N CYS A 76 -16.93 5.03 35.37
CA CYS A 76 -15.59 4.62 35.77
C CYS A 76 -15.06 5.60 36.80
N GLY A 77 -15.21 5.25 38.07
CA GLY A 77 -14.74 6.12 39.13
C GLY A 77 -13.22 6.16 39.22
N LYS A 78 -12.73 7.21 39.89
CA LYS A 78 -11.29 7.43 40.06
C LYS A 78 -10.57 7.48 38.72
N LEU A 79 -11.20 8.10 37.72
CA LEU A 79 -10.64 8.21 36.37
C LEU A 79 -10.92 9.62 35.88
N ALA A 80 -9.96 10.52 36.11
CA ALA A 80 -10.05 11.91 35.68
C ALA A 80 -9.34 12.14 34.34
N PHE A 81 -8.79 11.11 33.73
CA PHE A 81 -8.08 11.23 32.47
C PHE A 81 -8.49 10.10 31.55
N SER A 82 -8.29 10.31 30.25
CA SER A 82 -8.65 9.34 29.21
C SER A 82 -7.41 8.99 28.39
N PRO A 83 -6.65 8.00 28.81
CA PRO A 83 -5.45 7.62 28.05
C PRO A 83 -5.81 6.94 26.74
N SER A 84 -4.90 7.04 25.77
CA SER A 84 -5.12 6.41 24.47
C SER A 84 -5.10 4.89 24.59
N THR A 85 -4.19 4.35 25.39
CA THR A 85 -4.05 2.91 25.59
C THR A 85 -4.44 2.57 27.03
N LEU A 86 -5.07 1.41 27.22
CA LEU A 86 -5.40 0.97 28.57
C LEU A 86 -5.49 -0.55 28.58
N LEU A 87 -5.37 -1.11 29.79
CA LEU A 87 -5.54 -2.54 30.01
C LEU A 87 -6.65 -2.75 31.02
N ILE A 88 -7.73 -3.39 30.59
CA ILE A 88 -8.92 -3.60 31.41
C ILE A 88 -8.94 -5.03 31.91
N ASN A 89 -9.24 -5.19 33.20
CA ASN A 89 -9.31 -6.51 33.82
C ASN A 89 -10.75 -7.00 33.76
N ILE A 90 -11.05 -7.85 32.78
CA ILE A 90 -12.37 -8.43 32.61
C ILE A 90 -12.23 -9.94 32.80
N THR A 91 -13.02 -10.50 33.73
CA THR A 91 -12.97 -11.92 34.05
C THR A 91 -11.56 -12.37 34.39
N ASP A 92 -10.86 -11.54 35.17
CA ASP A 92 -9.47 -11.80 35.56
C ASP A 92 -8.55 -11.97 34.34
N GLN A 93 -8.86 -11.25 33.26
CA GLN A 93 -8.06 -11.30 32.04
C GLN A 93 -7.78 -9.89 31.58
N VAL A 94 -6.56 -9.67 31.08
CA VAL A 94 -6.12 -8.35 30.63
C VAL A 94 -6.53 -8.18 29.16
N TYR A 95 -7.30 -7.13 28.88
CA TYR A 95 -7.71 -6.79 27.53
C TYR A 95 -7.15 -5.43 27.17
N GLU A 96 -6.49 -5.35 26.01
CA GLU A 96 -5.90 -4.10 25.54
C GLU A 96 -6.99 -3.31 24.83
N TYR A 97 -7.34 -2.15 25.41
CA TYR A 97 -8.37 -1.28 24.86
C TYR A 97 -7.70 0.00 24.37
N LYS A 98 -7.94 0.35 23.12
CA LYS A 98 -7.34 1.51 22.49
C LYS A 98 -8.40 2.60 22.32
N TYR A 99 -8.12 3.79 22.85
CA TYR A 99 -9.01 4.92 22.67
C TYR A 99 -8.90 5.41 21.23
N LYS A 100 -10.01 5.32 20.48
CA LYS A 100 -10.01 5.69 19.07
C LYS A 100 -10.41 7.14 18.87
N ARG A 101 -11.61 7.51 19.30
CA ARG A 101 -12.11 8.87 19.14
C ARG A 101 -13.04 9.21 20.29
N GLU A 102 -13.19 10.50 20.54
CA GLU A 102 -14.05 11.01 21.59
C GLU A 102 -15.33 11.57 20.97
N ILE A 103 -16.47 11.17 21.52
CA ILE A 103 -17.78 11.61 21.02
C ILE A 103 -18.41 12.48 22.09
N SER A 104 -18.70 13.73 21.73
CA SER A 104 -19.37 14.68 22.62
C SER A 104 -20.70 15.13 22.01
N GLN A 105 -21.37 14.22 21.32
CA GLN A 105 -22.62 14.54 20.64
C GLN A 105 -23.76 13.66 21.16
N HIS A 106 -23.86 13.54 22.48
CA HIS A 106 -24.92 12.70 23.07
C HIS A 106 -26.30 13.28 22.80
N ASN A 107 -26.41 14.60 22.62
CA ASN A 107 -27.70 15.22 22.33
C ASN A 107 -28.21 14.79 20.96
N ILE A 108 -27.32 14.74 19.97
CA ILE A 108 -27.69 14.33 18.61
C ILE A 108 -27.44 12.84 18.38
N ASN A 109 -27.08 12.11 19.43
CA ASN A 109 -26.83 10.67 19.28
C ASN A 109 -28.01 9.90 18.72
N PRO A 110 -29.27 10.13 19.12
CA PRO A 110 -30.38 9.44 18.44
C PRO A 110 -30.45 9.74 16.96
N HIS A 111 -30.10 10.97 16.55
CA HIS A 111 -30.07 11.29 15.13
C HIS A 111 -28.92 10.59 14.42
N LEU A 112 -27.77 10.47 15.11
CA LEU A 112 -26.65 9.74 14.53
C LEU A 112 -26.96 8.26 14.36
N GLY A 113 -27.75 7.70 15.28
CA GLY A 113 -28.13 6.30 15.15
C GLY A 113 -28.97 6.04 13.90
N ASN A 114 -29.87 6.96 13.57
CA ASN A 114 -30.67 6.84 12.38
C ASN A 114 -29.84 7.16 11.14
N ALA A 115 -30.09 6.42 10.05
CA ALA A 115 -29.39 6.60 8.78
C ALA A 115 -27.88 6.48 8.96
N ILE A 116 -27.45 5.54 9.81
CA ILE A 116 -26.03 5.33 10.03
C ILE A 116 -25.36 4.75 8.79
N LEU A 117 -25.99 3.73 8.21
CA LEU A 117 -25.47 3.06 7.01
C LEU A 117 -24.04 2.60 7.23
N GLU A 118 -23.11 3.16 6.46
CA GLU A 118 -21.69 2.90 6.61
C GLU A 118 -20.97 4.23 6.82
N LYS A 119 -20.09 4.27 7.82
CA LYS A 119 -19.40 5.52 8.13
C LYS A 119 -18.47 5.93 6.99
N MET A 120 -17.76 4.96 6.39
CA MET A 120 -16.88 5.19 5.25
C MET A 120 -15.87 6.31 5.50
N THR A 121 -15.57 6.63 6.76
CA THR A 121 -14.65 7.71 7.05
C THR A 121 -13.21 7.26 6.88
N PHE A 122 -12.32 8.23 6.71
CA PHE A 122 -10.90 8.00 6.56
C PHE A 122 -10.14 8.74 7.65
N ASP A 123 -9.06 8.14 8.12
CA ASP A 123 -8.23 8.78 9.12
C ASP A 123 -7.58 10.03 8.52
N PRO A 124 -7.58 11.16 9.24
CA PRO A 124 -7.04 12.41 8.65
C PRO A 124 -5.57 12.33 8.27
N GLU A 125 -4.78 11.43 8.89
CA GLU A 125 -3.37 11.30 8.54
C GLU A 125 -3.15 10.46 7.29
N ILE A 126 -4.19 9.77 6.79
CA ILE A 126 -4.03 8.98 5.57
C ILE A 126 -3.70 9.89 4.40
N PHE A 127 -4.25 11.11 4.39
CA PHE A 127 -3.94 12.05 3.33
C PHE A 127 -2.51 12.57 3.46
N PHE A 128 -1.84 12.27 4.57
CA PHE A 128 -0.53 12.84 4.83
C PHE A 128 0.62 11.85 4.71
N ASN A 129 0.45 10.61 5.18
CA ASN A 129 1.57 9.67 5.24
C ASN A 129 1.58 8.67 4.09
N VAL A 130 0.46 8.50 3.39
CA VAL A 130 0.43 7.47 2.34
C VAL A 130 -0.05 8.04 1.01
N LEU A 131 -0.84 9.11 1.05
CA LEU A 131 -1.44 9.65 -0.17
C LEU A 131 -0.65 10.79 -0.79
N CYS A 132 -0.37 11.84 -0.01
CA CYS A 132 0.34 12.99 -0.56
C CYS A 132 1.77 12.67 -1.01
N PRO A 133 2.60 11.97 -0.22
CA PRO A 133 4.02 11.82 -0.59
C PRO A 133 4.21 11.21 -1.99
N PRO A 134 3.41 10.22 -2.41
CA PRO A 134 3.56 9.74 -3.80
C PRO A 134 3.34 10.83 -4.85
N ILE A 135 2.27 11.62 -4.70
CA ILE A 135 1.99 12.68 -5.65
C ILE A 135 3.12 13.71 -5.65
N ILE A 136 3.59 14.07 -4.45
CA ILE A 136 4.64 15.08 -4.35
C ILE A 136 5.93 14.59 -4.99
N PHE A 137 6.28 13.32 -4.75
CA PHE A 137 7.50 12.76 -5.33
C PHE A 137 7.39 12.66 -6.84
N HIS A 138 6.20 12.30 -7.35
CA HIS A 138 6.02 12.26 -8.79
C HIS A 138 6.14 13.64 -9.40
N ALA A 139 5.57 14.65 -8.75
CA ALA A 139 5.67 16.02 -9.26
C ALA A 139 7.12 16.49 -9.27
N GLY A 140 7.87 16.19 -8.20
CA GLY A 140 9.26 16.59 -8.15
C GLY A 140 10.13 15.85 -9.16
N TYR A 141 9.87 14.56 -9.35
CA TYR A 141 10.66 13.76 -10.28
C TYR A 141 10.38 14.15 -11.72
N SER A 142 9.13 14.45 -12.05
CA SER A 142 8.74 14.78 -13.42
C SER A 142 9.08 16.25 -13.70
N LEU A 143 10.37 16.51 -13.82
CA LEU A 143 10.89 17.83 -14.16
C LEU A 143 11.40 17.82 -15.59
N LYS A 144 11.00 18.82 -16.37
CA LYS A 144 11.37 18.86 -17.78
C LYS A 144 12.86 19.02 -17.97
N LYS A 145 13.54 19.71 -17.05
CA LYS A 145 14.98 19.99 -17.11
C LYS A 145 15.32 20.91 -18.27
N ARG A 146 14.33 21.23 -19.10
CA ARG A 146 14.43 22.27 -20.11
C ARG A 146 13.59 23.45 -19.66
N HIS A 147 14.11 24.66 -19.86
CA HIS A 147 13.56 25.85 -19.22
C HIS A 147 13.56 25.64 -17.70
N PHE A 148 12.65 26.31 -17.00
CA PHE A 148 12.52 26.18 -15.55
C PHE A 148 13.75 26.72 -14.82
N PHE A 149 14.77 27.11 -15.57
CA PHE A 149 15.97 27.74 -15.05
C PHE A 149 16.08 29.20 -15.44
N GLN A 150 15.65 29.54 -16.65
CA GLN A 150 15.56 30.95 -17.05
C GLN A 150 14.49 31.69 -16.27
N ASN A 151 13.50 30.97 -15.73
CA ASN A 151 12.42 31.58 -14.95
C ASN A 151 12.39 31.07 -13.52
N LEU A 152 13.48 30.46 -13.05
CA LEU A 152 13.50 29.92 -11.70
C LEU A 152 13.38 31.02 -10.66
N GLY A 153 14.05 32.14 -10.87
CA GLY A 153 13.99 33.23 -9.91
C GLY A 153 12.58 33.80 -9.77
N SER A 154 11.92 34.02 -10.90
CA SER A 154 10.55 34.55 -10.86
C SER A 154 9.61 33.58 -10.16
N ILE A 155 9.77 32.28 -10.44
CA ILE A 155 8.96 31.28 -9.75
C ILE A 155 9.21 31.31 -8.26
N LEU A 156 10.47 31.49 -7.86
CA LEU A 156 10.79 31.57 -6.44
C LEU A 156 10.12 32.75 -5.77
N THR A 157 10.26 33.95 -6.36
CA THR A 157 9.63 35.13 -5.77
C THR A 157 8.12 34.97 -5.72
N TYR A 158 7.52 34.44 -6.78
CA TYR A 158 6.07 34.19 -6.77
C TYR A 158 5.72 33.30 -5.59
N ALA A 159 6.20 32.05 -5.62
CA ALA A 159 5.78 31.05 -4.63
C ALA A 159 6.14 31.44 -3.20
N PHE A 160 7.08 32.37 -3.01
CA PHE A 160 7.43 32.77 -1.65
C PHE A 160 6.63 33.99 -1.20
N LEU A 161 6.74 35.10 -1.94
CA LEU A 161 6.11 36.34 -1.49
C LEU A 161 4.60 36.29 -1.66
N GLY A 162 4.11 35.81 -2.81
CA GLY A 162 2.68 35.85 -3.07
C GLY A 162 1.87 35.00 -2.10
N THR A 163 2.43 33.88 -1.64
CA THR A 163 1.74 33.05 -0.67
C THR A 163 1.48 33.84 0.62
N ALA A 164 2.51 34.49 1.15
CA ALA A 164 2.35 35.27 2.37
C ALA A 164 1.43 36.45 2.14
N ILE A 165 1.52 37.09 0.97
CA ILE A 165 0.67 38.25 0.68
C ILE A 165 -0.79 37.83 0.66
N SER A 166 -1.09 36.73 -0.03
CA SER A 166 -2.46 36.25 -0.10
C SER A 166 -2.96 35.81 1.27
N CYS A 167 -2.10 35.16 2.06
CA CYS A 167 -2.50 34.76 3.41
C CYS A 167 -2.86 35.98 4.26
N ILE A 168 -2.03 37.02 4.21
CA ILE A 168 -2.29 38.22 4.99
C ILE A 168 -3.58 38.88 4.54
N VAL A 169 -3.78 38.99 3.22
CA VAL A 169 -4.98 39.65 2.70
C VAL A 169 -6.23 38.89 3.12
N ILE A 170 -6.21 37.56 2.97
CA ILE A 170 -7.37 36.75 3.31
C ILE A 170 -7.64 36.83 4.81
N GLY A 171 -6.59 36.80 5.64
CA GLY A 171 -6.78 36.90 7.07
C GLY A 171 -7.40 38.24 7.47
N LEU A 172 -6.90 39.33 6.90
CA LEU A 172 -7.44 40.65 7.22
C LEU A 172 -8.90 40.76 6.79
N ILE A 173 -9.23 40.30 5.58
CA ILE A 173 -10.59 40.43 5.09
C ILE A 173 -11.54 39.54 5.89
N MET A 174 -11.09 38.36 6.28
CA MET A 174 -11.94 37.48 7.06
C MET A 174 -12.14 38.01 8.48
N TYR A 175 -11.10 38.65 9.04
CA TYR A 175 -11.27 39.31 10.33
C TYR A 175 -12.28 40.45 10.24
N GLY A 176 -12.21 41.23 9.15
CA GLY A 176 -13.20 42.28 8.96
C GLY A 176 -14.61 41.74 8.82
N PHE A 177 -14.76 40.62 8.09
CA PHE A 177 -16.08 40.01 7.94
C PHE A 177 -16.59 39.46 9.27
N VAL A 178 -15.69 38.90 10.09
CA VAL A 178 -16.08 38.43 11.41
C VAL A 178 -16.52 39.61 12.28
N LYS A 179 -15.80 40.72 12.21
CA LYS A 179 -16.20 41.91 12.96
C LYS A 179 -17.56 42.41 12.51
N ALA A 180 -17.82 42.39 11.21
CA ALA A 180 -19.15 42.77 10.71
C ALA A 180 -20.22 41.80 11.21
N MET A 181 -19.89 40.51 11.27
CA MET A 181 -20.83 39.53 11.82
C MET A 181 -21.14 39.84 13.28
N VAL A 182 -20.12 40.28 14.03
CA VAL A 182 -20.35 40.66 15.43
C VAL A 182 -21.43 41.73 15.53
N TYR A 183 -21.39 42.72 14.65
CA TYR A 183 -22.48 43.68 14.57
C TYR A 183 -23.79 43.01 14.17
N ALA A 184 -23.72 42.10 13.21
CA ALA A 184 -24.91 41.35 12.82
C ALA A 184 -25.36 40.39 13.91
N GLY A 185 -24.42 39.89 14.71
CA GLY A 185 -24.75 39.03 15.83
C GLY A 185 -25.33 37.68 15.44
N GLN A 186 -24.73 37.02 14.45
CA GLN A 186 -25.18 35.68 14.07
C GLN A 186 -24.93 34.68 15.19
N LEU A 187 -23.77 34.76 15.84
CA LEU A 187 -23.45 33.92 16.98
C LEU A 187 -22.62 34.73 17.97
N LYS A 188 -22.17 34.07 19.02
CA LYS A 188 -21.44 34.74 20.09
C LYS A 188 -20.12 35.31 19.56
N ASN A 189 -19.75 36.47 20.12
CA ASN A 189 -18.50 37.13 19.76
C ASN A 189 -17.42 36.80 20.80
N GLY A 190 -16.23 36.47 20.31
CA GLY A 190 -15.13 36.13 21.18
C GLY A 190 -14.49 34.80 20.84
N ASP A 191 -15.27 33.89 20.24
CA ASP A 191 -14.75 32.60 19.87
C ASP A 191 -13.70 32.72 18.76
N PHE A 192 -13.97 33.53 17.75
CA PHE A 192 -13.01 33.72 16.67
C PHE A 192 -11.86 34.61 17.13
N HIS A 193 -10.74 34.47 16.44
CA HIS A 193 -9.54 35.24 16.75
C HIS A 193 -8.77 35.50 15.47
N PHE A 194 -7.86 36.47 15.55
CA PHE A 194 -7.03 36.79 14.39
C PHE A 194 -6.11 35.63 14.03
N THR A 195 -5.74 34.81 15.01
CA THR A 195 -4.93 33.62 14.72
C THR A 195 -5.69 32.65 13.84
N ASP A 196 -6.99 32.47 14.09
CA ASP A 196 -7.80 31.61 13.23
C ASP A 196 -7.91 32.18 11.82
N CYS A 197 -8.04 33.50 11.69
CA CYS A 197 -8.10 34.11 10.37
C CYS A 197 -6.79 33.90 9.61
N LEU A 198 -5.65 34.07 10.29
CA LEU A 198 -4.37 33.83 9.66
C LEU A 198 -4.21 32.36 9.28
N PHE A 199 -4.68 31.46 10.13
CA PHE A 199 -4.65 30.03 9.82
C PHE A 199 -5.45 29.73 8.56
N PHE A 200 -6.65 30.29 8.47
CA PHE A 200 -7.48 30.09 7.28
C PHE A 200 -6.84 30.68 6.04
N GLY A 201 -6.23 31.86 6.17
CA GLY A 201 -5.57 32.47 5.03
C GLY A 201 -4.39 31.65 4.54
N SER A 202 -3.59 31.14 5.45
CA SER A 202 -2.47 30.28 5.06
C SER A 202 -2.97 28.97 4.44
N LEU A 203 -4.05 28.42 4.98
CA LEU A 203 -4.60 27.18 4.44
C LEU A 203 -5.13 27.38 3.03
N MET A 204 -5.83 28.48 2.79
CA MET A 204 -6.42 28.77 1.47
C MET A 204 -5.42 29.49 0.56
N SER A 205 -4.22 28.92 0.43
CA SER A 205 -3.21 29.49 -0.44
C SER A 205 -2.53 28.46 -1.34
N ALA A 206 -2.75 27.17 -1.12
CA ALA A 206 -2.16 26.13 -1.96
C ALA A 206 -3.05 25.90 -3.18
N THR A 207 -2.48 26.04 -4.36
CA THR A 207 -3.21 25.89 -5.61
C THR A 207 -2.68 24.69 -6.38
N ASP A 208 -3.59 23.82 -6.83
CA ASP A 208 -3.24 22.62 -7.59
C ASP A 208 -4.11 22.58 -8.85
N PRO A 209 -3.72 23.32 -9.89
CA PRO A 209 -4.49 23.30 -11.15
C PRO A 209 -4.14 22.09 -12.01
N VAL A 210 -4.59 20.92 -11.55
CA VAL A 210 -4.27 19.68 -12.27
C VAL A 210 -4.99 19.64 -13.62
N THR A 211 -6.26 20.04 -13.64
CA THR A 211 -7.01 20.04 -14.91
C THR A 211 -6.43 21.04 -15.89
N VAL A 212 -6.03 22.22 -15.41
CA VAL A 212 -5.43 23.22 -16.29
C VAL A 212 -4.12 22.71 -16.87
N LEU A 213 -3.30 22.06 -16.03
CA LEU A 213 -2.04 21.52 -16.53
C LEU A 213 -2.27 20.39 -17.53
N ALA A 214 -3.28 19.55 -17.29
CA ALA A 214 -3.60 18.49 -18.24
C ALA A 214 -4.05 19.06 -19.58
N ILE A 215 -4.89 20.09 -19.55
CA ILE A 215 -5.33 20.73 -20.78
C ILE A 215 -4.15 21.36 -21.51
N PHE A 216 -3.25 22.00 -20.76
CA PHE A 216 -2.07 22.61 -21.36
C PHE A 216 -1.19 21.56 -22.03
N HIS A 217 -0.99 20.42 -21.37
CA HIS A 217 -0.18 19.36 -21.95
C HIS A 217 -0.85 18.79 -23.19
N GLU A 218 -2.17 18.63 -23.17
CA GLU A 218 -2.88 18.09 -24.32
C GLU A 218 -2.82 19.04 -25.51
N LEU A 219 -2.97 20.34 -25.27
CA LEU A 219 -3.04 21.32 -26.35
C LEU A 219 -1.69 21.85 -26.78
N HIS A 220 -0.61 21.49 -26.09
CA HIS A 220 0.75 21.92 -26.41
C HIS A 220 0.85 23.45 -26.41
N VAL A 221 0.57 24.04 -25.24
CA VAL A 221 0.65 25.47 -25.05
C VAL A 221 2.10 25.90 -24.93
N ASP A 222 2.35 27.20 -24.91
CA ASP A 222 3.70 27.71 -24.78
C ASP A 222 4.35 27.18 -23.51
N PRO A 223 5.58 26.65 -23.58
CA PRO A 223 6.18 26.02 -22.40
C PRO A 223 6.48 26.99 -21.26
N ASP A 224 6.61 28.29 -21.53
CA ASP A 224 6.96 29.22 -20.47
C ASP A 224 5.85 29.33 -19.43
N LEU A 225 4.61 29.54 -19.88
CA LEU A 225 3.49 29.62 -18.97
C LEU A 225 3.28 28.30 -18.23
N TYR A 226 3.43 27.18 -18.94
CA TYR A 226 3.29 25.87 -18.30
C TYR A 226 4.32 25.70 -17.20
N THR A 227 5.58 26.06 -17.47
CA THR A 227 6.62 25.91 -16.46
C THR A 227 6.38 26.82 -15.27
N LEU A 228 5.96 28.06 -15.53
CA LEU A 228 5.68 28.98 -14.43
C LEU A 228 4.56 28.46 -13.54
N LEU A 229 3.45 28.02 -14.15
CA LEU A 229 2.32 27.51 -13.38
C LEU A 229 2.71 26.26 -12.61
N PHE A 230 3.46 25.35 -13.25
CA PHE A 230 3.87 24.12 -12.58
C PHE A 230 4.75 24.42 -11.39
N GLY A 231 5.76 25.27 -11.57
CA GLY A 231 6.64 25.60 -10.47
C GLY A 231 5.92 26.27 -9.31
N GLU A 232 5.03 27.22 -9.62
CA GLU A 232 4.26 27.87 -8.56
C GLU A 232 3.39 26.87 -7.81
N SER A 233 2.68 26.00 -8.56
CA SER A 233 1.78 25.05 -7.92
C SER A 233 2.53 24.03 -7.09
N VAL A 234 3.75 23.67 -7.49
CA VAL A 234 4.52 22.70 -6.72
C VAL A 234 5.07 23.36 -5.45
N LEU A 235 5.64 24.56 -5.58
CA LEU A 235 6.31 25.17 -4.44
C LEU A 235 5.34 25.71 -3.39
N ASN A 236 4.25 26.36 -3.84
CA ASN A 236 3.36 27.02 -2.90
C ASN A 236 2.66 26.02 -1.98
N ASP A 237 2.51 24.78 -2.41
CA ASP A 237 1.89 23.76 -1.55
C ASP A 237 2.74 23.54 -0.31
N ALA A 238 4.03 23.26 -0.49
CA ALA A 238 4.92 23.06 0.65
C ALA A 238 5.06 24.35 1.45
N VAL A 239 5.15 25.49 0.78
CA VAL A 239 5.27 26.76 1.49
C VAL A 239 4.08 26.96 2.42
N ALA A 240 2.86 26.73 1.90
CA ALA A 240 1.66 26.91 2.70
C ALA A 240 1.57 25.88 3.82
N ILE A 241 2.03 24.65 3.57
CA ILE A 241 1.99 23.63 4.61
C ILE A 241 2.87 24.06 5.78
N VAL A 242 4.12 24.47 5.49
CA VAL A 242 5.02 24.84 6.57
C VAL A 242 4.54 26.12 7.26
N LEU A 243 3.99 27.06 6.49
CA LEU A 243 3.46 28.28 7.09
C LEU A 243 2.29 28.00 8.01
N THR A 244 1.41 27.09 7.60
CA THR A 244 0.28 26.71 8.45
C THR A 244 0.75 26.04 9.73
N TYR A 245 1.75 25.16 9.62
CA TYR A 245 2.30 24.53 10.82
C TYR A 245 2.91 25.57 11.76
N SER A 246 3.64 26.54 11.20
CA SER A 246 4.24 27.58 12.03
C SER A 246 3.19 28.44 12.69
N ILE A 247 2.10 28.74 11.97
CA ILE A 247 1.02 29.52 12.55
C ILE A 247 0.35 28.75 13.69
N SER A 248 0.13 27.44 13.49
CA SER A 248 -0.42 26.62 14.56
C SER A 248 0.51 26.54 15.75
N ILE A 249 1.82 26.68 15.51
CA ILE A 249 2.78 26.66 16.62
C ILE A 249 2.59 27.88 17.52
N TYR A 250 2.22 29.02 16.94
CA TYR A 250 2.07 30.27 17.70
C TYR A 250 1.13 30.10 18.88
N SER A 251 1.65 30.31 20.08
CA SER A 251 0.88 30.22 21.31
C SER A 251 1.53 31.05 22.40
N PRO A 252 1.04 32.27 22.65
CA PRO A 252 1.63 33.10 23.71
C PRO A 252 1.45 32.48 25.09
N LYS A 253 2.42 32.74 25.97
CA LYS A 253 2.35 32.21 27.32
C LYS A 253 1.21 32.83 28.10
N GLU A 254 1.05 34.15 28.02
CA GLU A 254 -0.01 34.86 28.70
C GLU A 254 -0.75 35.75 27.70
N ASN A 255 -1.95 36.18 28.09
CA ASN A 255 -2.82 36.99 27.24
C ASN A 255 -3.02 36.30 25.90
N PRO A 256 -3.84 35.25 25.83
CA PRO A 256 -4.01 34.52 24.58
C PRO A 256 -4.52 35.42 23.45
N ASN A 257 -4.11 35.07 22.23
CA ASN A 257 -4.46 35.84 21.03
C ASN A 257 -3.96 37.27 21.13
N ALA A 258 -2.76 37.44 21.69
CA ALA A 258 -2.14 38.75 21.77
C ALA A 258 -1.51 39.12 20.44
N PHE A 259 -1.10 40.39 20.32
CA PHE A 259 -0.47 40.91 19.13
C PHE A 259 0.98 41.27 19.46
N ASP A 260 1.91 40.67 18.72
CA ASP A 260 3.35 40.91 18.89
C ASP A 260 3.79 40.59 20.32
N ALA A 261 3.68 39.32 20.67
CA ALA A 261 4.03 38.82 22.00
C ALA A 261 5.44 38.24 22.04
N ALA A 262 6.36 38.79 21.26
CA ALA A 262 7.76 38.36 21.20
C ALA A 262 7.91 36.91 20.74
N ALA A 263 6.88 36.35 20.12
CA ALA A 263 6.96 35.02 19.55
C ALA A 263 7.03 35.02 18.03
N PHE A 264 6.93 36.20 17.40
CA PHE A 264 7.06 36.29 15.95
C PHE A 264 8.46 35.84 15.51
N PHE A 265 9.49 36.31 16.22
CA PHE A 265 10.86 35.94 15.87
C PHE A 265 11.09 34.44 16.04
N GLN A 266 10.60 33.87 17.14
CA GLN A 266 10.80 32.44 17.35
C GLN A 266 10.01 31.61 16.34
N SER A 267 8.82 32.08 15.94
CA SER A 267 8.07 31.36 14.91
C SER A 267 8.78 31.40 13.58
N VAL A 268 9.33 32.56 13.21
CA VAL A 268 10.09 32.67 11.97
C VAL A 268 11.32 31.77 12.02
N GLY A 269 12.01 31.75 13.17
CA GLY A 269 13.16 30.88 13.31
C GLY A 269 12.80 29.41 13.18
N ASN A 270 11.68 29.00 13.78
CA ASN A 270 11.23 27.62 13.67
C ASN A 270 10.90 27.28 12.22
N PHE A 271 10.22 28.18 11.52
CA PHE A 271 9.89 27.94 10.12
C PHE A 271 11.15 27.77 9.28
N LEU A 272 12.11 28.69 9.44
CA LEU A 272 13.35 28.62 8.68
C LEU A 272 14.12 27.35 9.00
N GLY A 273 14.20 26.99 10.28
CA GLY A 273 14.91 25.78 10.65
C GLY A 273 14.27 24.52 10.09
N ILE A 274 12.94 24.46 10.12
CA ILE A 274 12.24 23.30 9.57
C ILE A 274 12.51 23.18 8.07
N PHE A 275 12.40 24.31 7.35
CA PHE A 275 12.65 24.28 5.91
C PHE A 275 14.08 23.85 5.60
N ALA A 276 15.05 24.44 6.30
CA ALA A 276 16.44 24.10 6.05
C ALA A 276 16.73 22.65 6.37
N GLY A 277 16.21 22.14 7.48
CA GLY A 277 16.45 20.76 7.83
C GLY A 277 15.84 19.78 6.85
N SER A 278 14.61 20.06 6.40
CA SER A 278 13.98 19.18 5.41
C SER A 278 14.77 19.19 4.10
N PHE A 279 15.17 20.38 3.64
CA PHE A 279 15.96 20.45 2.41
C PHE A 279 17.28 19.71 2.56
N ALA A 280 17.95 19.86 3.70
CA ALA A 280 19.22 19.20 3.92
C ALA A 280 19.07 17.69 3.94
N MET A 281 18.01 17.19 4.61
CA MET A 281 17.79 15.75 4.65
C MET A 281 17.52 15.20 3.26
N GLY A 282 16.66 15.87 2.49
CA GLY A 282 16.38 15.41 1.15
C GLY A 282 17.62 15.38 0.28
N SER A 283 18.39 16.47 0.31
CA SER A 283 19.61 16.52 -0.51
C SER A 283 20.61 15.47 -0.07
N ALA A 284 20.75 15.25 1.24
CA ALA A 284 21.70 14.26 1.73
C ALA A 284 21.33 12.87 1.25
N TYR A 285 20.05 12.50 1.36
CA TYR A 285 19.63 11.19 0.90
C TYR A 285 19.81 11.05 -0.62
N ALA A 286 19.54 12.13 -1.36
CA ALA A 286 19.69 12.08 -2.81
C ALA A 286 21.15 11.85 -3.21
N VAL A 287 22.07 12.60 -2.59
CA VAL A 287 23.48 12.39 -2.92
C VAL A 287 23.96 11.03 -2.42
N VAL A 288 23.38 10.52 -1.33
CA VAL A 288 23.78 9.20 -0.85
C VAL A 288 23.41 8.13 -1.87
N THR A 289 22.18 8.15 -2.36
CA THR A 289 21.79 7.15 -3.35
C THR A 289 22.50 7.36 -4.67
N ALA A 290 22.79 8.61 -5.04
CA ALA A 290 23.54 8.87 -6.27
C ALA A 290 24.95 8.28 -6.17
N LEU A 291 25.63 8.49 -5.05
CA LEU A 291 26.96 7.92 -4.87
C LEU A 291 26.91 6.41 -4.84
N LEU A 292 25.88 5.84 -4.18
CA LEU A 292 25.75 4.39 -4.15
C LEU A 292 25.58 3.81 -5.54
N THR A 293 24.75 4.46 -6.37
CA THR A 293 24.57 3.97 -7.74
C THR A 293 25.84 4.15 -8.57
N LYS A 294 26.55 5.27 -8.37
CA LYS A 294 27.73 5.54 -9.19
C LYS A 294 28.87 4.58 -8.87
N PHE A 295 29.15 4.37 -7.59
CA PHE A 295 30.30 3.56 -7.21
C PHE A 295 30.10 2.09 -7.57
N THR A 296 28.90 1.57 -7.32
CA THR A 296 28.62 0.16 -7.57
C THR A 296 28.36 -0.06 -9.07
N LYS A 297 28.18 -1.34 -9.43
CA LYS A 297 27.88 -1.70 -10.82
C LYS A 297 26.52 -2.37 -10.92
N LEU A 298 25.52 -1.80 -10.25
CA LEU A 298 24.16 -2.34 -10.21
C LEU A 298 23.41 -2.17 -11.51
N CYS A 299 24.03 -1.70 -12.59
CA CYS A 299 23.32 -1.48 -13.85
C CYS A 299 22.90 -2.79 -14.51
N GLU A 300 23.41 -3.93 -14.07
CA GLU A 300 23.09 -5.22 -14.67
C GLU A 300 21.89 -5.89 -14.03
N PHE A 301 21.36 -5.34 -12.94
CA PHE A 301 20.21 -5.92 -12.23
C PHE A 301 19.19 -4.82 -12.00
N PRO A 302 18.25 -4.63 -12.95
CA PRO A 302 17.27 -3.53 -12.80
C PRO A 302 16.42 -3.66 -11.54
N MET A 303 16.05 -4.88 -11.15
CA MET A 303 15.22 -5.06 -9.97
C MET A 303 15.91 -4.55 -8.72
N LEU A 304 17.19 -4.89 -8.55
CA LEU A 304 17.91 -4.51 -7.35
C LEU A 304 18.03 -2.99 -7.23
N GLU A 305 18.42 -2.32 -8.32
CA GLU A 305 18.60 -0.88 -8.27
C GLU A 305 17.26 -0.16 -8.12
N THR A 306 16.20 -0.68 -8.76
CA THR A 306 14.88 -0.08 -8.59
C THR A 306 14.41 -0.20 -7.14
N GLY A 307 14.59 -1.38 -6.54
CA GLY A 307 14.22 -1.55 -5.14
C GLY A 307 15.03 -0.65 -4.22
N LEU A 308 16.34 -0.53 -4.50
CA LEU A 308 17.17 0.35 -3.70
C LEU A 308 16.71 1.80 -3.81
N PHE A 309 16.37 2.24 -5.02
CA PHE A 309 15.87 3.60 -5.24
C PHE A 309 14.60 3.84 -4.43
N PHE A 310 13.63 2.95 -4.57
CA PHE A 310 12.36 3.14 -3.87
C PHE A 310 12.54 3.10 -2.36
N LEU A 311 13.34 2.15 -1.87
CA LEU A 311 13.56 2.03 -0.43
C LEU A 311 14.29 3.24 0.12
N LEU A 312 15.26 3.78 -0.63
CA LEU A 312 15.98 4.95 -0.17
C LEU A 312 15.07 6.18 -0.14
N SER A 313 14.18 6.33 -1.13
CA SER A 313 13.24 7.43 -1.10
C SER A 313 12.30 7.32 0.11
N TRP A 314 11.76 6.12 0.35
CA TRP A 314 10.86 5.93 1.47
C TRP A 314 11.58 6.16 2.80
N SER A 315 12.84 5.72 2.88
CA SER A 315 13.63 5.93 4.09
C SER A 315 13.92 7.41 4.31
N ALA A 316 14.15 8.15 3.23
CA ALA A 316 14.32 9.60 3.35
C ALA A 316 13.06 10.23 3.93
N PHE A 317 11.89 9.84 3.39
CA PHE A 317 10.64 10.37 3.92
C PHE A 317 10.47 10.04 5.40
N LEU A 318 10.74 8.78 5.78
CA LEU A 318 10.52 8.34 7.15
C LEU A 318 11.50 9.02 8.11
N SER A 319 12.75 9.21 7.68
CA SER A 319 13.73 9.88 8.53
C SER A 319 13.40 11.36 8.69
N ALA A 320 12.89 11.98 7.63
CA ALA A 320 12.45 13.37 7.74
C ALA A 320 11.28 13.49 8.70
N GLU A 321 10.34 12.54 8.63
CA GLU A 321 9.18 12.58 9.53
C GLU A 321 9.57 12.31 10.98
N ALA A 322 10.50 11.37 11.20
CA ALA A 322 10.84 10.98 12.56
C ALA A 322 11.68 12.04 13.26
N ALA A 323 12.44 12.83 12.50
CA ALA A 323 13.27 13.86 13.10
C ALA A 323 12.47 15.03 13.64
N GLY A 324 11.16 15.09 13.37
CA GLY A 324 10.33 16.19 13.79
C GLY A 324 10.08 17.25 12.74
N LEU A 325 10.62 17.08 11.54
CA LEU A 325 10.44 18.04 10.47
C LEU A 325 9.24 17.64 9.61
N THR A 326 9.09 18.28 8.46
CA THR A 326 7.99 17.99 7.54
C THR A 326 8.51 17.09 6.43
N GLY A 327 7.83 15.97 6.21
CA GLY A 327 8.27 15.00 5.22
C GLY A 327 7.90 15.35 3.78
N ILE A 328 6.89 16.18 3.58
CA ILE A 328 6.43 16.49 2.24
C ILE A 328 7.49 17.29 1.47
N VAL A 329 7.99 18.37 2.10
CA VAL A 329 8.98 19.20 1.44
C VAL A 329 10.29 18.45 1.27
N ALA A 330 10.65 17.63 2.26
CA ALA A 330 11.85 16.81 2.12
C ALA A 330 11.72 15.82 0.97
N VAL A 331 10.55 15.22 0.81
CA VAL A 331 10.30 14.31 -0.30
C VAL A 331 10.42 15.05 -1.63
N LEU A 332 9.85 16.26 -1.69
CA LEU A 332 9.92 17.05 -2.91
C LEU A 332 11.37 17.34 -3.29
N PHE A 333 12.16 17.80 -2.32
CA PHE A 333 13.55 18.15 -2.62
C PHE A 333 14.38 16.93 -2.95
N CYS A 334 14.16 15.81 -2.25
CA CYS A 334 14.84 14.58 -2.58
C CYS A 334 14.50 14.12 -3.99
N GLY A 335 13.24 14.23 -4.38
CA GLY A 335 12.84 13.84 -5.72
C GLY A 335 13.46 14.70 -6.80
N VAL A 336 13.47 16.02 -6.59
CA VAL A 336 14.06 16.88 -7.63
C VAL A 336 15.57 16.66 -7.72
N THR A 337 16.24 16.48 -6.58
CA THR A 337 17.68 16.22 -6.62
C THR A 337 17.99 14.87 -7.25
N GLN A 338 17.14 13.87 -7.00
CA GLN A 338 17.33 12.56 -7.61
C GLN A 338 17.16 12.65 -9.12
N ALA A 339 16.09 13.29 -9.57
CA ALA A 339 15.89 13.48 -11.01
C ALA A 339 17.04 14.27 -11.63
N HIS A 340 17.66 15.16 -10.86
CA HIS A 340 18.79 15.93 -11.39
C HIS A 340 20.03 15.05 -11.54
N TYR A 341 20.34 14.23 -10.53
CA TYR A 341 21.63 13.56 -10.46
C TYR A 341 21.56 12.08 -10.84
N THR A 342 20.72 11.31 -10.15
CA THR A 342 20.76 9.86 -10.29
C THR A 342 20.22 9.39 -11.64
N TYR A 343 19.30 10.17 -12.23
CA TYR A 343 18.66 9.75 -13.48
C TYR A 343 19.67 9.53 -14.59
N ASN A 344 20.84 10.18 -14.51
CA ASN A 344 21.88 10.00 -15.52
C ASN A 344 22.77 8.80 -15.24
N ASN A 345 22.55 8.07 -14.15
CA ASN A 345 23.37 6.92 -13.81
C ASN A 345 22.64 5.58 -13.94
N LEU A 346 21.31 5.59 -13.90
CA LEU A 346 20.56 4.34 -13.96
C LEU A 346 20.60 3.75 -15.36
N SER A 347 20.29 2.46 -15.45
CA SER A 347 20.20 1.79 -16.73
C SER A 347 18.97 2.27 -17.49
N LEU A 348 18.98 2.05 -18.81
CA LEU A 348 17.90 2.52 -19.66
C LEU A 348 16.56 1.91 -19.28
N ASP A 349 16.57 0.77 -18.59
CA ASP A 349 15.34 0.08 -18.23
C ASP A 349 14.83 0.58 -16.88
N SER A 350 15.74 0.85 -15.95
CA SER A 350 15.34 1.29 -14.62
C SER A 350 14.66 2.67 -14.66
N LYS A 351 15.11 3.54 -15.57
CA LYS A 351 14.46 4.85 -15.72
C LYS A 351 12.99 4.68 -16.07
N MET A 352 12.71 3.85 -17.08
CA MET A 352 11.33 3.61 -17.48
C MET A 352 10.53 2.98 -16.36
N ARG A 353 11.12 2.00 -15.66
CA ARG A 353 10.42 1.36 -14.55
C ARG A 353 10.02 2.38 -13.49
N THR A 354 10.99 3.19 -13.03
CA THR A 354 10.71 4.15 -11.97
C THR A 354 9.68 5.17 -12.43
N LYS A 355 9.84 5.72 -13.64
CA LYS A 355 8.93 6.74 -14.12
C LYS A 355 7.50 6.20 -14.22
N GLN A 356 7.34 5.03 -14.85
CA GLN A 356 6.00 4.48 -15.02
C GLN A 356 5.37 4.13 -13.68
N LEU A 357 6.13 3.50 -12.78
CA LEU A 357 5.58 3.12 -11.49
C LEU A 357 5.14 4.34 -10.69
N PHE A 358 5.99 5.38 -10.65
CA PHE A 358 5.65 6.55 -9.86
C PHE A 358 4.48 7.32 -10.47
N GLU A 359 4.40 7.38 -11.80
CA GLU A 359 3.29 8.09 -12.41
C GLU A 359 1.98 7.32 -12.20
N PHE A 360 2.03 5.98 -12.22
CA PHE A 360 0.83 5.20 -11.93
C PHE A 360 0.39 5.39 -10.48
N MET A 361 1.35 5.38 -9.55
CA MET A 361 1.02 5.61 -8.15
C MET A 361 0.40 6.98 -7.95
N ASN A 362 0.97 8.00 -8.60
CA ASN A 362 0.42 9.35 -8.48
C ASN A 362 -0.99 9.43 -9.05
N PHE A 363 -1.23 8.82 -10.21
CA PHE A 363 -2.55 8.82 -10.80
C PHE A 363 -3.57 8.17 -9.86
N LEU A 364 -3.24 6.98 -9.34
CA LEU A 364 -4.16 6.28 -8.46
C LEU A 364 -4.42 7.09 -7.19
N ALA A 365 -3.36 7.65 -6.60
CA ALA A 365 -3.51 8.40 -5.36
C ALA A 365 -4.38 9.64 -5.56
N GLU A 366 -4.14 10.38 -6.65
CA GLU A 366 -4.93 11.59 -6.88
C GLU A 366 -6.38 11.26 -7.20
N ASN A 367 -6.62 10.16 -7.93
CA ASN A 367 -7.99 9.76 -8.20
C ASN A 367 -8.72 9.37 -6.92
N VAL A 368 -8.06 8.61 -6.04
CA VAL A 368 -8.68 8.23 -4.77
C VAL A 368 -8.94 9.47 -3.92
N ILE A 369 -7.99 10.41 -3.91
CA ILE A 369 -8.14 11.62 -3.12
C ILE A 369 -9.35 12.41 -3.58
N PHE A 370 -9.49 12.60 -4.90
CA PHE A 370 -10.60 13.40 -5.40
C PHE A 370 -11.93 12.66 -5.22
N CYS A 371 -11.93 11.33 -5.37
CA CYS A 371 -13.15 10.57 -5.14
C CYS A 371 -13.61 10.68 -3.69
N TYR A 372 -12.67 10.63 -2.74
CA TYR A 372 -13.03 10.80 -1.34
C TYR A 372 -13.47 12.24 -1.05
N MET A 373 -12.84 13.21 -1.73
CA MET A 373 -13.23 14.60 -1.55
C MET A 373 -14.66 14.85 -2.03
N GLY A 374 -15.09 14.12 -3.07
CA GLY A 374 -16.45 14.25 -3.55
C GLY A 374 -17.51 13.85 -2.54
N LEU A 375 -17.14 13.14 -1.49
CA LEU A 375 -18.09 12.71 -0.45
C LEU A 375 -18.26 13.85 0.55
N ALA A 376 -19.36 14.59 0.43
CA ALA A 376 -19.65 15.70 1.31
C ALA A 376 -20.76 15.41 2.32
N LEU A 377 -21.53 14.35 2.13
CA LEU A 377 -22.62 13.99 3.02
C LEU A 377 -22.19 13.04 4.14
N PHE A 378 -20.95 12.54 4.10
CA PHE A 378 -20.51 11.60 5.12
C PHE A 378 -20.16 12.28 6.44
N THR A 379 -19.85 13.57 6.44
CA THR A 379 -19.53 14.28 7.67
C THR A 379 -20.83 14.73 8.34
N PHE A 380 -21.10 14.18 9.53
CA PHE A 380 -22.35 14.50 10.21
C PHE A 380 -22.29 15.88 10.86
N GLN A 381 -21.12 16.28 11.36
CA GLN A 381 -20.97 17.56 12.04
C GLN A 381 -20.59 18.67 11.07
N ASN A 382 -21.36 18.81 9.99
CA ASN A 382 -21.13 19.86 9.02
C ASN A 382 -21.84 21.14 9.46
N HIS A 383 -21.25 22.28 9.08
CA HIS A 383 -21.74 23.59 9.45
C HIS A 383 -21.94 24.47 8.22
N ILE A 384 -22.60 23.92 7.21
CA ILE A 384 -22.86 24.65 5.98
C ILE A 384 -24.00 25.64 6.22
N PHE A 385 -23.66 26.84 6.67
CA PHE A 385 -24.64 27.89 6.93
C PHE A 385 -23.88 29.21 7.00
N ASN A 386 -24.61 30.27 7.33
CA ASN A 386 -24.05 31.63 7.43
C ASN A 386 -23.40 32.04 6.10
N ALA A 387 -24.29 32.25 5.11
CA ALA A 387 -23.84 32.52 3.75
C ALA A 387 -22.97 33.77 3.66
N LEU A 388 -23.04 34.67 4.65
CA LEU A 388 -22.15 35.83 4.65
C LEU A 388 -20.70 35.40 4.75
N PHE A 389 -20.41 34.35 5.52
CA PHE A 389 -19.06 33.82 5.61
C PHE A 389 -18.59 33.28 4.27
N ILE A 390 -19.48 32.56 3.57
CA ILE A 390 -19.12 32.02 2.26
C ILE A 390 -18.87 33.14 1.26
N LEU A 391 -19.70 34.18 1.28
CA LEU A 391 -19.51 35.31 0.39
C LEU A 391 -18.19 36.03 0.70
N GLY A 392 -17.88 36.19 1.99
CA GLY A 392 -16.62 36.80 2.36
C GLY A 392 -15.43 36.02 1.87
N ALA A 393 -15.46 34.69 2.04
CA ALA A 393 -14.36 33.86 1.54
C ALA A 393 -14.28 33.92 0.02
N PHE A 394 -15.42 33.95 -0.66
CA PHE A 394 -15.44 34.00 -2.12
C PHE A 394 -14.80 35.29 -2.61
N LEU A 395 -15.13 36.42 -1.99
CA LEU A 395 -14.48 37.68 -2.37
C LEU A 395 -13.01 37.68 -1.99
N ALA A 396 -12.68 37.10 -0.84
CA ALA A 396 -11.32 37.15 -0.34
C ALA A 396 -10.35 36.38 -1.23
N ILE A 397 -10.75 35.18 -1.68
CA ILE A 397 -9.86 34.40 -2.52
C ILE A 397 -9.61 35.12 -3.84
N PHE A 398 -10.66 35.72 -4.42
CA PHE A 398 -10.50 36.44 -5.68
C PHE A 398 -9.59 37.65 -5.53
N VAL A 399 -9.81 38.45 -4.48
CA VAL A 399 -8.98 39.65 -4.32
C VAL A 399 -7.55 39.27 -3.96
N ALA A 400 -7.35 38.18 -3.21
CA ALA A 400 -6.00 37.74 -2.91
C ALA A 400 -5.27 37.26 -4.16
N ARG A 401 -5.95 36.50 -5.01
CA ARG A 401 -5.34 36.10 -6.27
C ARG A 401 -5.06 37.30 -7.16
N ALA A 402 -5.91 38.32 -7.12
CA ALA A 402 -5.67 39.52 -7.91
C ALA A 402 -4.42 40.26 -7.43
N CYS A 403 -4.30 40.44 -6.11
CA CYS A 403 -3.14 41.14 -5.56
C CYS A 403 -1.89 40.29 -5.55
N ASN A 404 -2.00 38.98 -5.79
CA ASN A 404 -0.83 38.12 -5.79
C ASN A 404 0.00 38.30 -7.06
N ILE A 405 -0.66 38.40 -8.21
CA ILE A 405 0.04 38.31 -9.49
C ILE A 405 0.54 39.67 -9.95
N TYR A 406 -0.39 40.61 -10.15
CA TYR A 406 -0.06 41.85 -10.85
C TYR A 406 1.05 42.66 -10.18
N PRO A 407 1.03 42.91 -8.87
CA PRO A 407 2.15 43.66 -8.28
C PRO A 407 3.49 42.95 -8.42
N LEU A 408 3.53 41.65 -8.10
CA LEU A 408 4.77 40.90 -8.24
C LEU A 408 5.18 40.77 -9.70
N SER A 409 4.21 40.64 -10.60
CA SER A 409 4.52 40.58 -12.03
C SER A 409 5.17 41.88 -12.48
N PHE A 410 4.64 43.03 -12.04
CA PHE A 410 5.25 44.31 -12.41
C PHE A 410 6.64 44.46 -11.80
N LEU A 411 6.81 44.03 -10.55
CA LEU A 411 8.11 44.12 -9.90
C LEU A 411 9.14 43.27 -10.64
N LEU A 412 8.74 42.07 -11.08
CA LEU A 412 9.66 41.24 -11.86
C LEU A 412 9.92 41.84 -13.24
N ASN A 413 8.90 42.44 -13.84
CA ASN A 413 9.07 43.08 -15.14
C ASN A 413 9.97 44.29 -15.09
N LEU A 414 10.11 44.92 -13.92
CA LEU A 414 11.08 46.00 -13.76
C LEU A 414 12.49 45.52 -14.13
N GLY A 415 12.99 44.55 -13.38
CA GLY A 415 14.24 43.91 -13.72
C GLY A 415 14.05 42.64 -14.53
N ARG A 416 13.28 42.74 -15.61
CA ARG A 416 12.93 41.57 -16.40
C ARG A 416 14.14 41.02 -17.13
N LYS A 417 14.16 39.70 -17.31
CA LYS A 417 15.24 39.02 -18.01
C LYS A 417 15.02 39.04 -19.51
N HIS A 418 14.75 40.22 -20.07
CA HIS A 418 14.56 40.43 -21.51
C HIS A 418 13.40 39.61 -22.08
N LYS A 419 12.52 39.09 -21.21
CA LYS A 419 11.36 38.30 -21.64
C LYS A 419 10.16 38.77 -20.83
N ILE A 420 9.42 39.74 -21.37
CA ILE A 420 8.28 40.33 -20.67
C ILE A 420 7.08 39.39 -20.79
N PRO A 421 6.57 38.85 -19.68
CA PRO A 421 5.39 37.96 -19.72
C PRO A 421 4.08 38.72 -19.55
N TRP A 422 3.69 39.47 -20.58
CA TRP A 422 2.44 40.22 -20.55
C TRP A 422 1.38 39.47 -21.34
N ASN A 423 0.14 39.53 -20.83
CA ASN A 423 -1.09 38.84 -21.23
C ASN A 423 -1.17 37.43 -20.64
N PHE A 424 -0.09 36.94 -20.00
CA PHE A 424 -0.12 35.65 -19.33
C PHE A 424 -0.64 35.75 -17.90
N GLN A 425 -0.66 36.96 -17.33
CA GLN A 425 -1.12 37.12 -15.96
C GLN A 425 -2.61 36.80 -15.83
N HIS A 426 -3.38 37.03 -16.89
CA HIS A 426 -4.80 36.69 -16.84
C HIS A 426 -5.02 35.18 -16.76
N MET A 427 -4.17 34.39 -17.43
CA MET A 427 -4.27 32.95 -17.31
C MET A 427 -3.96 32.49 -15.89
N MET A 428 -2.95 33.09 -15.26
CA MET A 428 -2.67 32.78 -13.86
C MET A 428 -3.81 33.22 -12.96
N MET A 429 -4.50 34.31 -13.31
CA MET A 429 -5.67 34.73 -12.56
C MET A 429 -6.78 33.70 -12.67
N PHE A 430 -7.01 33.18 -13.87
CA PHE A 430 -8.07 32.19 -14.06
C PHE A 430 -7.75 30.88 -13.35
N SER A 431 -6.49 30.46 -13.37
CA SER A 431 -6.07 29.21 -12.74
C SER A 431 -5.93 29.46 -11.24
N GLY A 432 -7.01 29.20 -10.51
CA GLY A 432 -7.01 29.39 -9.07
C GLY A 432 -7.65 28.25 -8.32
N LEU A 433 -7.49 27.03 -8.83
CA LEU A 433 -8.08 25.86 -8.21
C LEU A 433 -7.41 25.55 -6.87
N ARG A 434 -8.16 24.87 -6.01
CA ARG A 434 -7.67 24.41 -4.72
C ARG A 434 -7.61 22.89 -4.74
N GLY A 435 -6.45 22.33 -4.40
CA GLY A 435 -6.20 20.91 -4.50
C GLY A 435 -6.41 20.19 -3.20
N ALA A 436 -5.67 19.09 -3.02
CA ALA A 436 -5.81 18.24 -1.85
C ALA A 436 -5.16 18.81 -0.61
N CYS A 437 -4.21 19.73 -0.76
CA CYS A 437 -3.50 20.26 0.40
C CYS A 437 -4.43 21.01 1.33
N ALA A 438 -5.24 21.92 0.78
CA ALA A 438 -6.16 22.69 1.60
C ALA A 438 -7.21 21.78 2.25
N PHE A 439 -7.74 20.82 1.48
CA PHE A 439 -8.73 19.90 2.04
C PHE A 439 -8.15 19.08 3.18
N ALA A 440 -6.93 18.58 3.01
CA ALA A 440 -6.30 17.79 4.07
C ALA A 440 -6.01 18.65 5.30
N LEU A 441 -5.53 19.87 5.10
CA LEU A 441 -5.25 20.74 6.23
C LEU A 441 -6.52 21.14 6.96
N ALA A 442 -7.65 21.24 6.24
CA ALA A 442 -8.91 21.54 6.90
C ALA A 442 -9.43 20.31 7.65
N ILE A 443 -9.31 19.12 7.06
CA ILE A 443 -9.79 17.90 7.71
C ILE A 443 -8.91 17.45 8.85
N ARG A 444 -7.70 17.98 8.97
CA ARG A 444 -6.81 17.57 10.05
C ARG A 444 -7.40 17.90 11.41
N ASP A 445 -7.98 19.09 11.56
CA ASP A 445 -8.55 19.54 12.82
C ASP A 445 -10.07 19.50 12.73
N THR A 446 -10.71 18.97 13.77
CA THR A 446 -12.15 18.82 13.82
C THR A 446 -12.63 19.20 15.23
N GLU A 447 -13.84 18.76 15.57
CA GLU A 447 -14.51 19.01 16.85
C GLU A 447 -14.28 20.45 17.34
N SER A 448 -14.69 21.39 16.49
CA SER A 448 -14.63 22.81 16.83
C SER A 448 -15.50 23.57 15.84
N GLN A 449 -16.39 24.42 16.36
CA GLN A 449 -17.31 25.15 15.48
C GLN A 449 -16.59 26.02 14.45
N PRO A 450 -15.62 26.87 14.81
CA PRO A 450 -14.91 27.61 13.77
C PRO A 450 -14.18 26.72 12.78
N LYS A 451 -13.53 25.66 13.26
CA LYS A 451 -12.83 24.74 12.37
C LYS A 451 -13.79 24.09 11.39
N GLN A 452 -14.95 23.65 11.88
CA GLN A 452 -15.97 23.08 11.01
C GLN A 452 -16.45 24.11 9.99
N MET A 453 -16.58 25.37 10.42
CA MET A 453 -16.99 26.43 9.50
C MET A 453 -16.00 26.56 8.36
N MET A 454 -14.70 26.68 8.68
CA MET A 454 -13.71 26.81 7.62
C MET A 454 -13.65 25.57 6.75
N PHE A 455 -13.80 24.37 7.34
CA PHE A 455 -13.78 23.15 6.54
C PHE A 455 -14.93 23.14 5.53
N SER A 456 -16.13 23.49 5.99
CA SER A 456 -17.28 23.50 5.08
C SER A 456 -17.12 24.55 3.99
N THR A 457 -16.63 25.74 4.37
CA THR A 457 -16.44 26.78 3.36
C THR A 457 -15.39 26.39 2.33
N THR A 458 -14.31 25.74 2.77
CA THR A 458 -13.29 25.29 1.83
C THR A 458 -13.84 24.21 0.91
N LEU A 459 -14.64 23.29 1.46
CA LEU A 459 -15.24 22.25 0.62
C LEU A 459 -16.14 22.86 -0.44
N LEU A 460 -16.98 23.83 -0.05
CA LEU A 460 -17.85 24.48 -1.01
C LEU A 460 -17.05 25.25 -2.06
N LEU A 461 -15.99 25.94 -1.63
CA LEU A 461 -15.16 26.69 -2.55
C LEU A 461 -14.50 25.78 -3.58
N VAL A 462 -13.97 24.64 -3.13
CA VAL A 462 -13.37 23.68 -4.06
C VAL A 462 -14.43 23.17 -5.02
N PHE A 463 -15.57 22.72 -4.49
CA PHE A 463 -16.63 22.17 -5.33
C PHE A 463 -17.03 23.16 -6.42
N PHE A 464 -17.13 24.44 -6.09
CA PHE A 464 -17.51 25.43 -7.08
C PHE A 464 -16.39 25.69 -8.07
N THR A 465 -15.20 26.06 -7.56
CA THR A 465 -14.15 26.60 -8.42
C THR A 465 -13.59 25.53 -9.35
N VAL A 466 -13.41 24.30 -8.86
CA VAL A 466 -12.83 23.26 -9.71
C VAL A 466 -13.71 23.03 -10.93
N TRP A 467 -15.01 22.82 -10.69
CA TRP A 467 -15.93 22.55 -11.80
C TRP A 467 -16.04 23.76 -12.73
N VAL A 468 -16.18 24.96 -12.18
CA VAL A 468 -16.41 26.12 -13.04
C VAL A 468 -15.19 26.41 -13.90
N PHE A 469 -13.98 26.29 -13.32
CA PHE A 469 -12.80 26.58 -14.11
C PHE A 469 -12.44 25.45 -15.07
N GLY A 470 -12.73 24.20 -14.70
CA GLY A 470 -12.59 23.12 -15.66
C GLY A 470 -13.52 23.29 -16.85
N GLY A 471 -14.73 23.80 -16.61
CA GLY A 471 -15.63 24.09 -17.70
C GLY A 471 -15.18 25.26 -18.55
N GLY A 472 -14.66 26.31 -17.92
CA GLY A 472 -14.32 27.52 -18.64
C GLY A 472 -12.89 27.68 -19.09
N THR A 473 -12.03 26.67 -18.88
CA THR A 473 -10.63 26.81 -19.29
C THR A 473 -10.49 27.02 -20.79
N THR A 474 -11.17 26.20 -21.60
CA THR A 474 -11.01 26.29 -23.05
C THR A 474 -11.51 27.63 -23.61
N PRO A 475 -12.72 28.11 -23.29
CA PRO A 475 -13.12 29.43 -23.81
C PRO A 475 -12.21 30.55 -23.33
N MET A 476 -11.72 30.47 -22.10
CA MET A 476 -10.81 31.49 -21.58
C MET A 476 -9.48 31.46 -22.35
N LEU A 477 -9.01 30.27 -22.69
CA LEU A 477 -7.80 30.16 -23.50
C LEU A 477 -8.02 30.74 -24.89
N THR A 478 -9.17 30.44 -25.51
CA THR A 478 -9.42 30.93 -26.86
C THR A 478 -9.62 32.45 -26.88
N TRP A 479 -10.19 33.01 -25.81
CA TRP A 479 -10.47 34.44 -25.79
C TRP A 479 -9.20 35.27 -25.64
N LEU A 480 -8.18 34.72 -24.97
CA LEU A 480 -6.94 35.46 -24.75
C LEU A 480 -5.96 35.35 -25.91
N GLN A 481 -6.30 34.62 -26.97
CA GLN A 481 -5.44 34.45 -28.14
C GLN A 481 -4.09 33.87 -27.74
N ILE A 482 -4.10 32.93 -26.81
CA ILE A 482 -2.88 32.26 -26.37
C ILE A 482 -2.43 31.28 -27.45
N ARG A 483 -1.14 31.30 -27.76
CA ARG A 483 -0.61 30.41 -28.78
C ARG A 483 -0.74 28.96 -28.33
N VAL A 484 -1.23 28.11 -29.25
CA VAL A 484 -1.42 26.70 -28.98
C VAL A 484 -0.76 25.90 -30.09
N GLY A 485 -0.53 24.62 -29.81
CA GLY A 485 0.09 23.74 -30.78
C GLY A 485 1.58 23.95 -30.97
N VAL A 486 2.24 24.68 -30.07
CA VAL A 486 3.67 24.92 -30.20
C VAL A 486 4.44 23.66 -29.83
N ASP A 487 5.29 23.20 -30.73
CA ASP A 487 6.09 22.02 -30.47
C ASP A 487 7.19 22.33 -29.46
N LEU A 488 7.35 21.42 -28.48
CA LEU A 488 8.38 21.62 -27.46
C LEU A 488 9.79 21.57 -28.07
N ASP A 489 10.02 20.64 -28.98
CA ASP A 489 11.33 20.51 -29.62
C ASP A 489 11.55 21.61 -30.64
N LYS A 511 23.21 33.64 -17.79
CA LYS A 511 24.46 34.35 -17.53
C LYS A 511 24.22 35.57 -16.65
N THR A 512 24.57 36.75 -17.18
CA THR A 512 24.36 37.99 -16.44
C THR A 512 22.87 38.27 -16.24
N GLU A 513 22.04 37.94 -17.23
CA GLU A 513 20.61 38.22 -17.13
C GLU A 513 19.98 37.48 -15.96
N SER A 514 20.48 36.28 -15.65
CA SER A 514 19.96 35.50 -14.52
C SER A 514 20.66 35.87 -13.22
N ALA A 515 20.73 37.16 -12.94
CA ALA A 515 21.29 37.70 -11.70
C ALA A 515 22.77 37.34 -11.50
N TRP A 516 23.36 36.67 -12.49
CA TRP A 516 24.78 36.28 -12.49
C TRP A 516 25.06 35.24 -11.40
N LEU A 517 24.08 34.95 -10.55
CA LEU A 517 24.26 33.94 -9.51
C LEU A 517 23.97 32.54 -10.03
N PHE A 518 22.92 32.40 -10.84
CA PHE A 518 22.58 31.09 -11.39
C PHE A 518 23.65 30.60 -12.37
N ARG A 519 24.27 31.51 -13.12
CA ARG A 519 25.38 31.12 -13.98
C ARG A 519 26.54 30.59 -13.16
N MET A 520 26.86 31.25 -12.04
CA MET A 520 27.92 30.77 -11.16
C MET A 520 27.56 29.41 -10.57
N TRP A 521 26.30 29.22 -10.19
CA TRP A 521 25.87 27.93 -9.66
C TRP A 521 26.00 26.83 -10.72
N TYR A 522 25.62 27.13 -11.96
CA TYR A 522 25.75 26.16 -13.04
C TYR A 522 27.22 25.81 -13.29
N GLY A 523 28.08 26.82 -13.28
CA GLY A 523 29.51 26.56 -13.44
C GLY A 523 30.07 25.72 -12.32
N PHE A 524 29.65 25.99 -11.08
CA PHE A 524 30.10 25.19 -9.94
C PHE A 524 29.61 23.76 -10.05
N ASP A 525 28.37 23.57 -10.51
CA ASP A 525 27.84 22.22 -10.69
C ASP A 525 28.62 21.46 -11.76
N HIS A 526 28.87 22.10 -12.90
CA HIS A 526 29.58 21.46 -14.00
C HIS A 526 31.08 21.35 -13.75
N LYS A 527 31.61 22.00 -12.71
CA LYS A 527 33.03 21.99 -12.45
C LYS A 527 33.45 20.88 -11.49
N TYR A 528 32.71 20.69 -10.39
CA TYR A 528 33.14 19.78 -9.34
C TYR A 528 32.15 18.64 -9.11
N LEU A 529 30.86 18.94 -8.96
CA LEU A 529 29.90 17.92 -8.55
C LEU A 529 29.61 16.92 -9.66
N LYS A 530 29.54 17.40 -10.91
CA LYS A 530 29.21 16.50 -12.01
C LYS A 530 30.25 15.41 -12.24
N PRO A 531 31.56 15.70 -12.31
CA PRO A 531 32.51 14.62 -12.59
C PRO A 531 32.56 13.55 -11.52
N ILE A 532 32.17 13.86 -10.28
CA ILE A 532 32.26 12.87 -9.21
C ILE A 532 30.93 12.14 -9.00
N LEU A 533 29.81 12.86 -9.04
CA LEU A 533 28.52 12.20 -8.82
C LEU A 533 28.06 11.40 -10.02
N THR A 534 28.47 11.78 -11.22
CA THR A 534 28.03 11.11 -12.44
C THR A 534 29.16 11.18 -13.47
N HIS A 535 28.81 11.01 -14.74
CA HIS A 535 29.67 11.06 -15.92
C HIS A 535 30.52 9.80 -16.04
N SER A 536 30.54 8.92 -15.04
CA SER A 536 31.31 7.69 -15.10
C SER A 536 30.45 6.52 -14.63
N GLY A 537 30.80 5.33 -15.10
CA GLY A 537 30.06 4.14 -14.76
C GLY A 537 29.14 3.69 -15.88
N PRO A 538 28.96 2.38 -16.02
CA PRO A 538 28.08 1.86 -17.07
C PRO A 538 26.63 2.23 -16.80
N PRO A 539 25.98 2.94 -17.74
CA PRO A 539 24.58 3.35 -17.59
C PRO A 539 23.61 2.24 -18.00
N GLN B 10 4.23 11.35 17.55
CA GLN B 10 4.27 10.06 16.86
C GLN B 10 5.57 9.32 17.17
N HIS B 11 6.31 8.98 16.12
CA HIS B 11 7.61 8.30 16.23
C HIS B 11 7.48 6.90 16.80
N GLN B 12 6.48 6.13 16.36
CA GLN B 12 6.41 4.71 16.69
C GLN B 12 6.59 3.87 15.43
N GLY B 13 5.73 4.08 14.44
CA GLY B 13 5.84 3.32 13.21
C GLY B 13 7.03 3.73 12.36
N ALA B 14 7.47 4.99 12.51
CA ALA B 14 8.60 5.47 11.73
C ALA B 14 9.87 4.70 12.04
N VAL B 15 10.11 4.40 13.31
CA VAL B 15 11.32 3.70 13.70
C VAL B 15 11.36 2.30 13.10
N GLU B 16 10.26 1.55 13.24
CA GLU B 16 10.25 0.18 12.71
C GLU B 16 10.29 0.17 11.19
N LEU B 17 9.62 1.13 10.54
CA LEU B 17 9.69 1.20 9.09
C LEU B 17 11.11 1.52 8.62
N LEU B 18 11.79 2.43 9.32
CA LEU B 18 13.18 2.73 8.97
C LEU B 18 14.08 1.53 9.19
N VAL B 19 13.83 0.77 10.26
CA VAL B 19 14.62 -0.43 10.51
C VAL B 19 14.42 -1.45 9.40
N PHE B 20 13.17 -1.64 8.98
CA PHE B 20 12.88 -2.55 7.87
C PHE B 20 13.57 -2.10 6.59
N ASN B 21 13.52 -0.80 6.31
CA ASN B 21 14.17 -0.28 5.10
C ASN B 21 15.68 -0.50 5.16
N PHE B 22 16.29 -0.25 6.32
CA PHE B 22 17.73 -0.46 6.47
C PHE B 22 18.09 -1.92 6.27
N LEU B 23 17.30 -2.83 6.86
CA LEU B 23 17.57 -4.26 6.70
C LEU B 23 17.44 -4.68 5.24
N LEU B 24 16.41 -4.19 4.55
CA LEU B 24 16.23 -4.54 3.14
C LEU B 24 17.38 -4.00 2.28
N ILE B 25 17.83 -2.77 2.56
CA ILE B 25 18.94 -2.20 1.80
C ILE B 25 20.21 -3.00 2.03
N LEU B 26 20.48 -3.37 3.28
CA LEU B 26 21.66 -4.19 3.56
C LEU B 26 21.57 -5.55 2.87
N THR B 27 20.37 -6.14 2.85
CA THR B 27 20.18 -7.42 2.18
C THR B 27 20.46 -7.30 0.69
N ILE B 28 19.95 -6.24 0.05
CA ILE B 28 20.18 -6.06 -1.38
C ILE B 28 21.66 -5.84 -1.66
N LEU B 29 22.33 -5.04 -0.83
CA LEU B 29 23.75 -4.79 -1.03
C LEU B 29 24.56 -6.08 -0.89
N THR B 30 24.27 -6.89 0.13
CA THR B 30 24.98 -8.14 0.29
C THR B 30 24.68 -9.12 -0.83
N ILE B 31 23.46 -9.12 -1.35
CA ILE B 31 23.12 -9.98 -2.47
C ILE B 31 23.93 -9.58 -3.70
N TRP B 32 24.04 -8.27 -3.95
CA TRP B 32 24.86 -7.80 -5.07
C TRP B 32 26.32 -8.18 -4.87
N LEU B 33 26.83 -8.04 -3.64
CA LEU B 33 28.21 -8.41 -3.37
C LEU B 33 28.46 -9.89 -3.61
N PHE B 34 27.52 -10.74 -3.20
CA PHE B 34 27.67 -12.17 -3.41
C PHE B 34 27.59 -12.52 -4.89
N LYS B 35 26.67 -11.90 -5.63
CA LYS B 35 26.51 -12.22 -7.04
C LYS B 35 27.63 -11.66 -7.90
N ASN B 36 28.32 -10.62 -7.42
CA ASN B 36 29.45 -10.08 -8.18
C ASN B 36 30.59 -11.07 -8.26
N HIS B 37 30.88 -11.77 -7.16
CA HIS B 37 31.93 -12.77 -7.11
C HIS B 37 31.45 -14.16 -7.51
N ARG B 38 30.17 -14.30 -7.84
CA ARG B 38 29.59 -15.57 -8.26
C ARG B 38 29.76 -16.65 -7.20
N PHE B 39 29.73 -16.26 -5.92
CA PHE B 39 29.86 -17.24 -4.84
C PHE B 39 28.62 -18.11 -4.74
N ARG B 40 27.44 -17.54 -5.01
CA ARG B 40 26.16 -18.25 -4.98
C ARG B 40 25.98 -18.82 -3.57
N PHE B 41 25.41 -20.02 -3.44
CA PHE B 41 25.22 -20.73 -2.17
C PHE B 41 24.28 -19.97 -1.21
N LEU B 42 23.59 -18.94 -1.69
CA LEU B 42 22.68 -18.18 -0.84
C LEU B 42 21.81 -17.30 -1.72
N HIS B 43 20.52 -17.25 -1.41
CA HIS B 43 19.56 -16.44 -2.13
C HIS B 43 19.20 -15.20 -1.31
N GLU B 44 18.50 -14.26 -1.94
CA GLU B 44 18.09 -13.04 -1.24
C GLU B 44 17.12 -13.35 -0.11
N THR B 45 16.31 -14.41 -0.26
CA THR B 45 15.43 -14.81 0.83
C THR B 45 16.23 -15.27 2.05
N GLY B 46 17.27 -16.07 1.83
CA GLY B 46 18.10 -16.49 2.93
C GLY B 46 18.85 -15.34 3.57
N GLY B 47 19.30 -14.39 2.75
CA GLY B 47 19.95 -13.20 3.29
C GLY B 47 19.01 -12.37 4.15
N ALA B 48 17.78 -12.18 3.68
CA ALA B 48 16.80 -11.47 4.49
C ALA B 48 16.51 -12.20 5.79
N MET B 49 16.42 -13.53 5.73
CA MET B 49 16.16 -14.31 6.93
C MET B 49 17.30 -14.17 7.94
N VAL B 50 18.55 -14.29 7.48
CA VAL B 50 19.67 -14.22 8.41
C VAL B 50 19.82 -12.80 8.94
N TYR B 51 19.55 -11.78 8.13
CA TYR B 51 19.61 -10.41 8.62
C TYR B 51 18.53 -10.16 9.66
N GLY B 52 17.32 -10.68 9.45
CA GLY B 52 16.29 -10.55 10.47
C GLY B 52 16.66 -11.26 11.76
N LEU B 53 17.26 -12.45 11.65
CA LEU B 53 17.70 -13.17 12.84
C LEU B 53 18.77 -12.39 13.60
N ILE B 54 19.73 -11.83 12.86
CA ILE B 54 20.80 -11.06 13.51
C ILE B 54 20.22 -9.81 14.17
N MET B 55 19.30 -9.12 13.49
CA MET B 55 18.68 -7.94 14.08
C MET B 55 17.94 -8.29 15.36
N GLY B 56 17.17 -9.39 15.34
CA GLY B 56 16.48 -9.80 16.54
C GLY B 56 17.43 -10.17 17.67
N LEU B 57 18.52 -10.85 17.34
CA LEU B 57 19.50 -11.25 18.36
C LEU B 57 20.15 -10.03 18.99
N ILE B 58 20.55 -9.05 18.18
CA ILE B 58 21.21 -7.87 18.73
C ILE B 58 20.20 -6.94 19.40
N LEU B 59 18.91 -7.06 19.10
CA LEU B 59 17.92 -6.22 19.75
C LEU B 59 17.47 -6.79 21.09
N ARG B 60 17.35 -8.12 21.19
CA ARG B 60 16.89 -8.73 22.42
C ARG B 60 17.91 -8.55 23.55
N TYR B 61 19.19 -8.70 23.24
CA TYR B 61 20.26 -8.66 24.24
C TYR B 61 21.02 -7.34 24.23
N ALA B 62 20.32 -6.22 24.04
CA ALA B 62 20.94 -4.90 24.05
C ALA B 62 20.57 -4.09 25.28
N THR B 63 19.28 -3.87 25.51
CA THR B 63 18.83 -3.12 26.67
C THR B 63 17.91 -3.97 27.53
N ALA B 64 18.30 -5.21 27.80
CA ALA B 64 17.48 -6.10 28.62
C ALA B 64 17.26 -5.57 30.03
N PRO B 65 18.28 -5.09 30.77
CA PRO B 65 17.99 -4.53 32.10
C PRO B 65 17.23 -3.22 32.03
N THR B 66 15.97 -3.22 32.45
CA THR B 66 15.14 -2.03 32.43
C THR B 66 14.08 -2.16 33.52
N ASP B 67 13.14 -1.22 33.55
CA ASP B 67 12.08 -1.22 34.55
C ASP B 67 11.02 -2.26 34.21
N ILE B 68 10.19 -2.55 35.20
CA ILE B 68 9.08 -3.50 35.05
C ILE B 68 7.80 -2.69 34.95
N GLU B 69 7.05 -2.91 33.87
CA GLU B 69 5.80 -2.21 33.62
C GLU B 69 4.64 -3.17 33.76
N SER B 70 3.69 -2.83 34.61
CA SER B 70 2.50 -3.64 34.85
C SER B 70 1.26 -2.80 34.58
N GLY B 71 0.32 -3.37 33.83
CA GLY B 71 -0.89 -2.65 33.49
C GLY B 71 -1.83 -2.50 34.66
N THR B 72 -2.69 -1.49 34.57
CA THR B 72 -3.67 -1.24 35.62
C THR B 72 -4.75 -2.32 35.61
N VAL B 73 -5.33 -2.56 36.78
CA VAL B 73 -6.39 -3.53 36.97
C VAL B 73 -7.65 -2.79 37.39
N TYR B 74 -8.71 -2.95 36.61
CA TYR B 74 -9.99 -2.29 36.89
C TYR B 74 -11.06 -3.36 37.07
N ASP B 75 -11.80 -3.26 38.17
CA ASP B 75 -12.87 -4.22 38.48
C ASP B 75 -14.16 -3.70 37.86
N CYS B 76 -14.40 -4.07 36.61
CA CYS B 76 -15.60 -3.65 35.88
C CYS B 76 -16.72 -4.61 36.22
N GLY B 77 -17.55 -4.23 37.19
CA GLY B 77 -18.65 -5.09 37.59
C GLY B 77 -19.75 -5.14 36.54
N LYS B 78 -20.58 -6.17 36.65
CA LYS B 78 -21.69 -6.42 35.73
C LYS B 78 -21.21 -6.49 34.28
N LEU B 79 -20.05 -7.13 34.08
CA LEU B 79 -19.44 -7.28 32.76
C LEU B 79 -18.91 -8.71 32.65
N ALA B 80 -19.74 -9.60 32.14
CA ALA B 80 -19.36 -10.99 31.93
C ALA B 80 -18.89 -11.27 30.51
N PHE B 81 -18.80 -10.25 29.67
CA PHE B 81 -18.36 -10.41 28.29
C PHE B 81 -17.39 -9.29 27.94
N SER B 82 -16.58 -9.54 26.91
CA SER B 82 -15.56 -8.59 26.45
C SER B 82 -15.82 -8.27 24.98
N PRO B 83 -16.63 -7.28 24.68
CA PRO B 83 -16.89 -6.93 23.28
C PRO B 83 -15.67 -6.28 22.63
N SER B 84 -15.59 -6.41 21.30
CA SER B 84 -14.49 -5.80 20.57
C SER B 84 -14.57 -4.28 20.60
N THR B 85 -15.77 -3.73 20.47
CA THR B 85 -15.99 -2.29 20.48
C THR B 85 -16.77 -1.92 21.73
N LEU B 86 -16.48 -0.75 22.29
CA LEU B 86 -17.22 -0.26 23.44
C LEU B 86 -17.17 1.26 23.49
N LEU B 87 -18.12 1.84 24.20
CA LEU B 87 -18.16 3.28 24.45
C LEU B 87 -18.13 3.52 25.95
N ILE B 88 -17.08 4.16 26.42
CA ILE B 88 -16.86 4.40 27.84
C ILE B 88 -17.20 5.84 28.18
N ASN B 89 -17.94 6.03 29.27
CA ASN B 89 -18.34 7.36 29.71
C ASN B 89 -17.30 7.87 30.71
N ILE B 90 -16.38 8.70 30.24
CA ILE B 90 -15.34 9.30 31.09
C ILE B 90 -15.56 10.80 31.08
N THR B 91 -15.70 11.39 32.27
CA THR B 91 -15.95 12.82 32.43
C THR B 91 -17.16 13.26 31.61
N ASP B 92 -18.22 12.44 31.64
CA ASP B 92 -19.44 12.68 30.89
C ASP B 92 -19.18 12.83 29.39
N GLN B 93 -18.19 12.09 28.89
CA GLN B 93 -17.84 12.10 27.48
C GLN B 93 -17.70 10.68 26.99
N VAL B 94 -18.17 10.43 25.76
CA VAL B 94 -18.15 9.10 25.17
C VAL B 94 -16.82 8.90 24.46
N TYR B 95 -16.09 7.86 24.86
CA TYR B 95 -14.82 7.50 24.25
C TYR B 95 -14.95 6.12 23.62
N GLU B 96 -14.55 6.01 22.36
CA GLU B 96 -14.62 4.75 21.63
C GLU B 96 -13.38 3.93 21.96
N TYR B 97 -13.57 2.81 22.65
CA TYR B 97 -12.48 1.93 23.04
C TYR B 97 -12.58 0.63 22.25
N LYS B 98 -11.51 0.26 21.58
CA LYS B 98 -11.46 -0.93 20.73
C LYS B 98 -10.63 -2.01 21.42
N TYR B 99 -11.22 -3.18 21.61
CA TYR B 99 -10.49 -4.32 22.15
C TYR B 99 -9.52 -4.83 21.10
N LYS B 100 -8.22 -4.76 21.41
CA LYS B 100 -7.19 -5.16 20.45
C LYS B 100 -6.78 -6.61 20.64
N ARG B 101 -6.28 -6.96 21.83
CA ARG B 101 -5.85 -8.31 22.10
C ARG B 101 -6.05 -8.62 23.57
N GLU B 102 -6.14 -9.91 23.89
CA GLU B 102 -6.33 -10.38 25.26
C GLU B 102 -5.01 -10.95 25.77
N ILE B 103 -4.63 -10.52 26.97
CA ILE B 103 -3.38 -10.95 27.59
C ILE B 103 -3.74 -11.79 28.81
N SER B 104 -3.29 -13.05 28.82
CA SER B 104 -3.49 -13.97 29.92
C SER B 104 -2.15 -14.43 30.49
N GLN B 105 -1.17 -13.52 30.49
CA GLN B 105 0.17 -13.84 30.94
C GLN B 105 0.57 -12.95 32.11
N HIS B 106 -0.32 -12.79 33.09
CA HIS B 106 -0.02 -11.94 34.24
C HIS B 106 1.11 -12.51 35.09
N ASN B 107 1.29 -13.82 35.08
CA ASN B 107 2.38 -14.43 35.83
C ASN B 107 3.75 -14.04 35.26
N ILE B 108 3.87 -14.01 33.94
CA ILE B 108 5.11 -13.63 33.27
C ILE B 108 5.12 -12.15 32.90
N ASN B 109 4.11 -11.40 33.32
CA ASN B 109 4.06 -9.96 33.02
C ASN B 109 5.30 -9.19 33.47
N PRO B 110 5.86 -9.40 34.68
CA PRO B 110 7.12 -8.72 35.00
C PRO B 110 8.26 -9.06 34.06
N HIS B 111 8.30 -10.29 33.55
CA HIS B 111 9.32 -10.65 32.57
C HIS B 111 9.04 -9.98 31.23
N LEU B 112 7.77 -9.85 30.86
CA LEU B 112 7.43 -9.15 29.62
C LEU B 112 7.79 -7.67 29.71
N GLY B 113 7.66 -7.08 30.90
CA GLY B 113 8.03 -5.68 31.06
C GLY B 113 9.51 -5.44 30.81
N ASN B 114 10.35 -6.36 31.27
CA ASN B 114 11.79 -6.26 31.03
C ASN B 114 12.12 -6.62 29.60
N ALA B 115 13.09 -5.90 29.02
CA ALA B 115 13.53 -6.11 27.64
C ALA B 115 12.37 -6.00 26.66
N ILE B 116 11.47 -5.05 26.91
CA ILE B 116 10.33 -4.85 26.01
C ILE B 116 10.81 -4.31 24.67
N LEU B 117 11.67 -3.29 24.70
CA LEU B 117 12.20 -2.65 23.49
C LEU B 117 11.07 -2.19 22.58
N GLU B 118 11.00 -2.79 21.39
CA GLU B 118 9.92 -2.54 20.45
C GLU B 118 9.27 -3.86 20.10
N LYS B 119 7.93 -3.90 20.14
CA LYS B 119 7.22 -5.13 19.87
C LYS B 119 7.42 -5.59 18.42
N MET B 120 7.38 -4.65 17.48
CA MET B 120 7.61 -4.90 16.05
C MET B 120 6.73 -6.03 15.50
N THR B 121 5.61 -6.32 16.15
CA THR B 121 4.75 -7.41 15.71
C THR B 121 3.89 -6.97 14.53
N PHE B 122 3.41 -7.96 13.78
CA PHE B 122 2.55 -7.74 12.64
C PHE B 122 1.23 -8.46 12.83
N ASP B 123 0.15 -7.87 12.36
CA ASP B 123 -1.15 -8.50 12.43
C ASP B 123 -1.16 -9.77 11.58
N PRO B 124 -1.70 -10.88 12.09
CA PRO B 124 -1.65 -12.14 11.33
C PRO B 124 -2.39 -12.08 9.99
N GLU B 125 -3.35 -11.18 9.82
CA GLU B 125 -4.06 -11.06 8.55
C GLU B 125 -3.29 -10.26 7.51
N ILE B 126 -2.22 -9.57 7.91
CA ILE B 126 -1.42 -8.81 6.96
C ILE B 126 -0.79 -9.75 5.93
N PHE B 127 -0.43 -10.96 6.36
CA PHE B 127 0.12 -11.93 5.43
C PHE B 127 -0.94 -12.47 4.48
N PHE B 128 -2.21 -12.14 4.74
CA PHE B 128 -3.30 -12.73 3.97
C PHE B 128 -3.98 -11.73 3.03
N ASN B 129 -4.20 -10.49 3.44
CA ASN B 129 -5.00 -9.56 2.66
C ASN B 129 -4.16 -8.58 1.84
N VAL B 130 -2.88 -8.43 2.17
CA VAL B 130 -2.08 -7.42 1.45
C VAL B 130 -0.79 -8.01 0.91
N LEU B 131 -0.29 -9.07 1.54
CA LEU B 131 1.01 -9.63 1.16
C LEU B 131 0.92 -10.79 0.20
N CYS B 132 0.14 -11.83 0.54
CA CYS B 132 0.05 -13.01 -0.33
C CYS B 132 -0.59 -12.71 -1.68
N PRO B 133 -1.73 -12.00 -1.77
CA PRO B 133 -2.41 -11.86 -3.07
C PRO B 133 -1.53 -11.30 -4.17
N PRO B 134 -0.66 -10.31 -3.90
CA PRO B 134 0.25 -9.86 -4.97
C PRO B 134 1.16 -10.97 -5.49
N ILE B 135 1.77 -11.74 -4.60
CA ILE B 135 2.65 -12.83 -5.02
C ILE B 135 1.87 -13.87 -5.81
N ILE B 136 0.67 -14.21 -5.34
CA ILE B 136 -0.13 -15.23 -6.01
C ILE B 136 -0.53 -14.75 -7.40
N PHE B 137 -0.94 -13.49 -7.52
CA PHE B 137 -1.34 -12.96 -8.82
C PHE B 137 -0.16 -12.88 -9.77
N HIS B 138 1.03 -12.53 -9.26
CA HIS B 138 2.21 -12.51 -10.11
C HIS B 138 2.56 -13.91 -10.59
N ALA B 139 2.46 -14.90 -9.70
CA ALA B 139 2.74 -16.28 -10.09
C ALA B 139 1.76 -16.77 -11.14
N GLY B 140 0.47 -16.44 -10.98
CA GLY B 140 -0.51 -16.86 -11.95
C GLY B 140 -0.36 -16.15 -13.28
N TYR B 141 -0.02 -14.86 -13.25
CA TYR B 141 0.11 -14.10 -14.48
C TYR B 141 1.36 -14.52 -15.26
N SER B 142 2.45 -14.81 -14.56
CA SER B 142 3.72 -15.17 -15.20
C SER B 142 3.68 -16.65 -15.60
N LEU B 143 2.87 -16.92 -16.62
CA LEU B 143 2.75 -18.26 -17.20
C LEU B 143 3.47 -18.27 -18.55
N LYS B 144 4.29 -19.30 -18.76
CA LYS B 144 5.08 -19.37 -19.99
C LYS B 144 4.19 -19.54 -21.23
N LYS B 145 3.05 -20.22 -21.07
CA LYS B 145 2.12 -20.51 -22.15
C LYS B 145 2.72 -21.47 -23.17
N ARG B 146 4.00 -21.79 -23.00
CA ARG B 146 4.65 -22.86 -23.75
C ARG B 146 4.90 -24.02 -22.80
N HIS B 147 4.67 -25.24 -23.29
CA HIS B 147 4.56 -26.41 -22.42
C HIS B 147 3.45 -26.16 -21.40
N PHE B 148 3.55 -26.80 -20.24
CA PHE B 148 2.59 -26.65 -19.15
C PHE B 148 1.22 -27.18 -19.55
N PHE B 149 1.06 -27.59 -20.80
CA PHE B 149 -0.15 -28.23 -21.30
C PHE B 149 0.05 -29.70 -21.61
N GLN B 150 1.23 -30.07 -22.12
CA GLN B 150 1.56 -31.47 -22.29
C GLN B 150 1.72 -32.19 -20.96
N ASN B 151 2.00 -31.46 -19.89
CA ASN B 151 2.16 -32.03 -18.56
C ASN B 151 1.14 -31.48 -17.57
N LEU B 152 0.06 -30.87 -18.06
CA LEU B 152 -0.94 -30.30 -17.17
C LEU B 152 -1.63 -31.38 -16.34
N GLY B 153 -1.95 -32.52 -16.96
CA GLY B 153 -2.62 -33.59 -16.23
C GLY B 153 -1.76 -34.13 -15.10
N SER B 154 -0.49 -34.38 -15.37
CA SER B 154 0.41 -34.89 -14.33
C SER B 154 0.55 -33.89 -13.19
N ILE B 155 0.66 -32.61 -13.52
CA ILE B 155 0.72 -31.58 -12.48
C ILE B 155 -0.55 -31.58 -11.65
N LEU B 156 -1.70 -31.76 -12.30
CA LEU B 156 -2.96 -31.81 -11.56
C LEU B 156 -3.00 -32.97 -10.59
N THR B 157 -2.68 -34.18 -11.07
CA THR B 157 -2.69 -35.34 -10.17
C THR B 157 -1.70 -35.17 -9.04
N TYR B 158 -0.51 -34.65 -9.33
CA TYR B 158 0.46 -34.38 -8.28
C TYR B 158 -0.14 -33.47 -7.23
N ALA B 159 -0.43 -32.22 -7.63
CA ALA B 159 -0.86 -31.20 -6.67
C ALA B 159 -2.16 -31.57 -5.96
N PHE B 160 -2.94 -32.49 -6.50
CA PHE B 160 -4.18 -32.87 -5.82
C PHE B 160 -3.99 -34.07 -4.90
N LEU B 161 -3.52 -35.19 -5.45
CA LEU B 161 -3.43 -36.42 -4.67
C LEU B 161 -2.28 -36.37 -3.67
N GLY B 162 -1.10 -35.91 -4.11
CA GLY B 162 0.06 -35.94 -3.23
C GLY B 162 -0.09 -35.06 -2.00
N THR B 163 -0.80 -33.94 -2.13
CA THR B 163 -1.04 -33.08 -0.98
C THR B 163 -1.80 -33.83 0.11
N ALA B 164 -2.91 -34.47 -0.27
CA ALA B 164 -3.69 -35.22 0.70
C ALA B 164 -2.90 -36.41 1.24
N ILE B 165 -2.13 -37.08 0.39
CA ILE B 165 -1.35 -38.22 0.84
C ILE B 165 -0.32 -37.80 1.88
N SER B 166 0.40 -36.71 1.62
CA SER B 166 1.39 -36.21 2.56
C SER B 166 0.72 -35.74 3.85
N CYS B 167 -0.43 -35.08 3.74
CA CYS B 167 -1.14 -34.64 4.94
C CYS B 167 -1.52 -35.83 5.82
N ILE B 168 -2.06 -36.88 5.19
CA ILE B 168 -2.47 -38.07 5.95
C ILE B 168 -1.26 -38.73 6.60
N VAL B 169 -0.17 -38.87 5.85
CA VAL B 169 1.02 -39.53 6.38
C VAL B 169 1.58 -38.75 7.57
N ILE B 170 1.69 -37.42 7.42
CA ILE B 170 2.23 -36.59 8.49
C ILE B 170 1.32 -36.64 9.70
N GLY B 171 0.00 -36.59 9.50
CA GLY B 171 -0.91 -36.66 10.62
C GLY B 171 -0.80 -37.98 11.38
N LEU B 172 -0.73 -39.09 10.64
CA LEU B 172 -0.61 -40.40 11.29
C LEU B 172 0.69 -40.51 12.07
N ILE B 173 1.80 -40.07 11.47
CA ILE B 173 3.09 -40.20 12.14
C ILE B 173 3.15 -39.29 13.35
N MET B 174 2.58 -38.09 13.26
CA MET B 174 2.59 -37.18 14.40
C MET B 174 1.70 -37.70 15.52
N TYR B 175 0.57 -38.33 15.16
CA TYR B 175 -0.27 -38.95 16.18
C TYR B 175 0.47 -40.09 16.87
N GLY B 176 1.21 -40.88 16.11
CA GLY B 176 2.02 -41.93 16.72
C GLY B 176 3.09 -41.38 17.65
N PHE B 177 3.73 -40.29 17.24
CA PHE B 177 4.75 -39.66 18.09
C PHE B 177 4.13 -39.08 19.35
N VAL B 178 2.93 -38.51 19.24
CA VAL B 178 2.23 -38.01 20.41
C VAL B 178 1.88 -39.15 21.36
N LYS B 179 1.42 -40.27 20.80
CA LYS B 179 1.13 -41.44 21.63
C LYS B 179 2.38 -41.95 22.33
N ALA B 180 3.52 -41.95 21.64
CA ALA B 180 4.78 -42.32 22.28
C ALA B 180 5.16 -41.33 23.38
N MET B 181 4.90 -40.04 23.16
CA MET B 181 5.15 -39.04 24.19
C MET B 181 4.29 -39.32 25.42
N VAL B 182 3.04 -39.76 25.20
CA VAL B 182 2.17 -40.10 26.33
C VAL B 182 2.83 -41.14 27.21
N TYR B 183 3.44 -42.16 26.60
CA TYR B 183 4.22 -43.12 27.38
C TYR B 183 5.42 -42.44 28.03
N ALA B 184 6.08 -41.55 27.31
CA ALA B 184 7.19 -40.80 27.90
C ALA B 184 6.69 -39.81 28.96
N GLY B 185 5.48 -39.30 28.81
CA GLY B 185 4.90 -38.41 29.78
C GLY B 185 5.58 -37.07 29.92
N GLN B 186 5.91 -36.44 28.79
CA GLN B 186 6.51 -35.11 28.84
C GLN B 186 5.53 -34.08 29.39
N LEU B 187 4.27 -34.16 28.98
CA LEU B 187 3.22 -33.29 29.50
C LEU B 187 1.93 -34.09 29.59
N LYS B 188 0.84 -33.41 29.96
CA LYS B 188 -0.43 -34.06 30.16
C LYS B 188 -0.96 -34.66 28.86
N ASN B 189 -1.63 -35.80 28.98
CA ASN B 189 -2.23 -36.49 27.85
C ASN B 189 -3.71 -36.14 27.75
N GLY B 190 -4.16 -35.84 26.54
CA GLY B 190 -5.56 -35.49 26.33
C GLY B 190 -5.73 -34.17 25.60
N ASP B 191 -4.75 -33.28 25.74
CA ASP B 191 -4.81 -31.98 25.07
C ASP B 191 -4.73 -32.16 23.56
N PHE B 192 -3.80 -32.98 23.08
CA PHE B 192 -3.66 -33.21 21.65
C PHE B 192 -4.79 -34.10 21.14
N HIS B 193 -5.06 -33.98 19.84
CA HIS B 193 -6.11 -34.76 19.19
C HIS B 193 -5.70 -35.06 17.77
N PHE B 194 -6.38 -36.04 17.16
CA PHE B 194 -6.11 -36.39 15.78
C PHE B 194 -6.45 -35.23 14.84
N THR B 195 -7.42 -34.40 15.22
CA THR B 195 -7.75 -33.23 14.40
C THR B 195 -6.57 -32.28 14.34
N ASP B 196 -5.87 -32.08 15.46
CA ASP B 196 -4.68 -31.23 15.45
C ASP B 196 -3.59 -31.82 14.57
N CYS B 197 -3.42 -33.14 14.61
CA CYS B 197 -2.42 -33.79 13.77
C CYS B 197 -2.75 -33.61 12.29
N LEU B 198 -4.02 -33.77 11.92
CA LEU B 198 -4.42 -33.56 10.54
C LEU B 198 -4.24 -32.10 10.14
N PHE B 199 -4.54 -31.17 11.04
CA PHE B 199 -4.32 -29.75 10.78
C PHE B 199 -2.85 -29.48 10.50
N PHE B 200 -1.96 -30.03 11.33
CA PHE B 200 -0.53 -29.84 11.13
C PHE B 200 -0.07 -30.47 9.82
N GLY B 201 -0.59 -31.65 9.49
CA GLY B 201 -0.21 -32.29 8.24
C GLY B 201 -0.64 -31.50 7.03
N SER B 202 -1.86 -30.97 7.05
CA SER B 202 -2.33 -30.13 5.95
C SER B 202 -1.51 -28.84 5.86
N LEU B 203 -1.17 -28.26 7.01
CA LEU B 203 -0.38 -27.02 7.01
C LEU B 203 1.01 -27.25 6.44
N MET B 204 1.66 -28.35 6.81
CA MET B 204 3.00 -28.67 6.36
C MET B 204 2.99 -29.42 5.03
N SER B 205 2.28 -28.85 4.04
CA SER B 205 2.20 -29.45 2.72
C SER B 205 2.42 -28.45 1.59
N ALA B 206 2.42 -27.15 1.86
CA ALA B 206 2.64 -26.14 0.84
C ALA B 206 4.14 -25.94 0.66
N THR B 207 4.63 -26.10 -0.56
CA THR B 207 6.04 -25.98 -0.89
C THR B 207 6.24 -24.80 -1.82
N ASP B 208 7.20 -23.94 -1.48
CA ASP B 208 7.54 -22.76 -2.28
C ASP B 208 9.05 -22.73 -2.50
N PRO B 209 9.53 -23.49 -3.48
CA PRO B 209 10.98 -23.50 -3.78
C PRO B 209 11.40 -22.31 -4.64
N VAL B 210 11.37 -21.12 -4.03
CA VAL B 210 11.69 -19.91 -4.78
C VAL B 210 13.16 -19.89 -5.18
N THR B 211 14.06 -20.28 -4.25
CA THR B 211 15.48 -20.30 -4.57
C THR B 211 15.80 -21.33 -5.65
N VAL B 212 15.16 -22.50 -5.58
CA VAL B 212 15.39 -23.53 -6.59
C VAL B 212 14.92 -23.04 -7.96
N LEU B 213 13.76 -22.39 -8.00
CA LEU B 213 13.27 -21.86 -9.27
C LEU B 213 14.17 -20.76 -9.81
N ALA B 214 14.69 -19.90 -8.93
CA ALA B 214 15.61 -18.86 -9.36
C ALA B 214 16.89 -19.46 -9.94
N ILE B 215 17.44 -20.48 -9.28
CA ILE B 215 18.63 -21.14 -9.78
C ILE B 215 18.35 -21.80 -11.13
N PHE B 216 17.18 -22.43 -11.26
CA PHE B 216 16.82 -23.07 -12.52
C PHE B 216 16.71 -22.04 -13.64
N HIS B 217 16.10 -20.89 -13.37
CA HIS B 217 15.99 -19.85 -14.37
C HIS B 217 17.36 -19.29 -14.75
N GLU B 218 18.25 -19.13 -13.76
CA GLU B 218 19.57 -18.61 -14.05
C GLU B 218 20.40 -19.59 -14.88
N LEU B 219 20.31 -20.88 -14.57
CA LEU B 219 21.14 -21.88 -15.23
C LEU B 219 20.53 -22.44 -16.51
N HIS B 220 19.28 -22.06 -16.84
CA HIS B 220 18.60 -22.52 -18.03
C HIS B 220 18.51 -24.05 -18.07
N VAL B 221 17.84 -24.60 -17.06
CA VAL B 221 17.64 -26.05 -16.96
C VAL B 221 16.54 -26.47 -17.93
N ASP B 222 16.35 -27.78 -18.07
CA ASP B 222 15.33 -28.31 -18.96
C ASP B 222 13.96 -27.74 -18.59
N PRO B 223 13.19 -27.24 -19.54
CA PRO B 223 11.92 -26.58 -19.19
C PRO B 223 10.87 -27.52 -18.61
N ASP B 224 10.97 -28.83 -18.86
CA ASP B 224 9.94 -29.75 -18.37
C ASP B 224 9.94 -29.81 -16.85
N LEU B 225 11.12 -30.02 -16.25
CA LEU B 225 11.20 -30.07 -14.79
C LEU B 225 10.82 -28.74 -14.17
N TYR B 226 11.24 -27.63 -14.79
CA TYR B 226 10.89 -26.31 -14.28
C TYR B 226 9.38 -26.12 -14.29
N THR B 227 8.72 -26.49 -15.38
CA THR B 227 7.27 -26.34 -15.47
C THR B 227 6.56 -27.22 -14.45
N LEU B 228 7.02 -28.47 -14.30
CA LEU B 228 6.40 -29.36 -13.32
C LEU B 228 6.51 -28.79 -11.91
N LEU B 229 7.72 -28.37 -11.53
CA LEU B 229 7.93 -27.83 -10.19
C LEU B 229 7.12 -26.56 -9.97
N PHE B 230 7.08 -25.68 -10.97
CA PHE B 230 6.33 -24.43 -10.85
C PHE B 230 4.84 -24.71 -10.67
N GLY B 231 4.29 -25.58 -11.52
CA GLY B 231 2.87 -25.91 -11.40
C GLY B 231 2.52 -26.53 -10.08
N GLU B 232 3.34 -27.48 -9.61
CA GLU B 232 3.08 -28.10 -8.32
C GLU B 232 3.14 -27.07 -7.19
N SER B 233 4.17 -26.21 -7.19
CA SER B 233 4.33 -25.24 -6.12
C SER B 233 3.22 -24.20 -6.14
N VAL B 234 2.70 -23.86 -7.31
CA VAL B 234 1.61 -22.90 -7.36
C VAL B 234 0.30 -23.52 -6.90
N LEU B 235 0.00 -24.73 -7.36
CA LEU B 235 -1.31 -25.32 -7.07
C LEU B 235 -1.41 -25.83 -5.64
N ASN B 236 -0.35 -26.48 -5.13
CA ASN B 236 -0.44 -27.11 -3.82
C ASN B 236 -0.63 -26.09 -2.71
N ASP B 237 -0.19 -24.84 -2.91
CA ASP B 237 -0.39 -23.82 -1.90
C ASP B 237 -1.88 -23.57 -1.67
N ALA B 238 -2.62 -23.30 -2.75
CA ALA B 238 -4.06 -23.08 -2.64
C ALA B 238 -4.76 -24.35 -2.16
N VAL B 239 -4.33 -25.51 -2.66
CA VAL B 239 -4.95 -26.77 -2.23
C VAL B 239 -4.81 -26.94 -0.72
N ALA B 240 -3.61 -26.71 -0.19
CA ALA B 240 -3.37 -26.86 1.24
C ALA B 240 -4.12 -25.81 2.04
N ILE B 241 -4.23 -24.58 1.51
CA ILE B 241 -4.98 -23.54 2.22
C ILE B 241 -6.43 -23.95 2.39
N VAL B 242 -7.07 -24.37 1.29
CA VAL B 242 -8.48 -24.73 1.37
C VAL B 242 -8.67 -25.98 2.21
N LEU B 243 -7.73 -26.94 2.12
CA LEU B 243 -7.83 -28.14 2.93
C LEU B 243 -7.70 -27.82 4.41
N THR B 244 -6.79 -26.91 4.78
CA THR B 244 -6.64 -26.52 6.17
C THR B 244 -7.89 -25.81 6.67
N TYR B 245 -8.48 -24.95 5.85
CA TYR B 245 -9.73 -24.30 6.25
C TYR B 245 -10.84 -25.33 6.46
N SER B 246 -10.95 -26.31 5.57
CA SER B 246 -11.97 -27.34 5.71
C SER B 246 -11.74 -28.18 6.96
N ILE B 247 -10.48 -28.48 7.27
CA ILE B 247 -10.16 -29.23 8.48
C ILE B 247 -10.55 -28.43 9.72
N SER B 248 -10.23 -27.13 9.72
CA SER B 248 -10.62 -26.29 10.83
C SER B 248 -12.14 -26.18 10.96
N ILE B 249 -12.85 -26.33 9.84
CA ILE B 249 -14.32 -26.30 9.89
C ILE B 249 -14.86 -27.50 10.68
N TYR B 250 -14.20 -28.65 10.58
CA TYR B 250 -14.66 -29.87 11.23
C TYR B 250 -14.88 -29.67 12.73
N SER B 251 -16.12 -29.86 13.16
CA SER B 251 -16.49 -29.74 14.57
C SER B 251 -17.74 -30.55 14.85
N PRO B 252 -17.61 -31.75 15.41
CA PRO B 252 -18.79 -32.56 15.71
C PRO B 252 -19.66 -31.91 16.77
N LYS B 253 -20.97 -32.17 16.67
CA LYS B 253 -21.92 -31.60 17.63
C LYS B 253 -21.71 -32.19 19.02
N GLU B 254 -21.56 -33.51 19.10
CA GLU B 254 -21.34 -34.19 20.36
C GLU B 254 -20.12 -35.10 20.24
N ASN B 255 -19.59 -35.50 21.39
CA ASN B 255 -18.38 -36.32 21.47
C ASN B 255 -17.25 -35.67 20.67
N PRO B 256 -16.63 -34.62 21.21
CA PRO B 256 -15.59 -33.91 20.46
C PRO B 256 -14.44 -34.82 20.09
N ASN B 257 -13.81 -34.51 18.95
CA ASN B 257 -12.71 -35.31 18.41
C ASN B 257 -13.13 -36.74 18.14
N ALA B 258 -14.36 -36.91 17.65
CA ALA B 258 -14.86 -38.23 17.28
C ALA B 258 -14.32 -38.63 15.92
N PHE B 259 -14.52 -39.90 15.57
CA PHE B 259 -14.08 -40.46 14.30
C PHE B 259 -15.32 -40.82 13.47
N ASP B 260 -15.41 -40.26 12.27
CA ASP B 260 -16.51 -40.50 11.35
C ASP B 260 -17.86 -40.16 12.00
N ALA B 261 -18.03 -38.87 12.29
CA ALA B 261 -19.24 -38.35 12.92
C ALA B 261 -20.22 -37.77 11.91
N ALA B 262 -20.27 -38.35 10.71
CA ALA B 262 -21.19 -37.94 9.64
C ALA B 262 -20.94 -36.52 9.18
N ALA B 263 -19.77 -35.95 9.50
CA ALA B 263 -19.39 -34.63 9.03
C ALA B 263 -18.34 -34.67 7.93
N PHE B 264 -17.82 -35.86 7.60
CA PHE B 264 -16.85 -35.98 6.52
C PHE B 264 -17.47 -35.56 5.20
N PHE B 265 -18.70 -36.02 4.93
CA PHE B 265 -19.37 -35.67 3.69
C PHE B 265 -19.64 -34.17 3.59
N GLN B 266 -20.10 -33.57 4.69
CA GLN B 266 -20.38 -32.14 4.66
C GLN B 266 -19.09 -31.32 4.54
N SER B 267 -18.00 -31.78 5.14
CA SER B 267 -16.72 -31.09 4.97
C SER B 267 -16.23 -31.17 3.54
N VAL B 268 -16.35 -32.34 2.92
CA VAL B 268 -15.96 -32.48 1.52
C VAL B 268 -16.83 -31.60 0.63
N GLY B 269 -18.13 -31.55 0.91
CA GLY B 269 -19.01 -30.69 0.13
C GLY B 269 -18.67 -29.22 0.29
N ASN B 270 -18.34 -28.79 1.50
CA ASN B 270 -17.93 -27.42 1.72
C ASN B 270 -16.64 -27.09 0.97
N PHE B 271 -15.67 -28.01 1.02
CA PHE B 271 -14.42 -27.80 0.29
C PHE B 271 -14.67 -27.66 -1.20
N LEU B 272 -15.46 -28.59 -1.77
CA LEU B 272 -15.74 -28.55 -3.20
C LEU B 272 -16.49 -27.27 -3.58
N GLY B 273 -17.47 -26.88 -2.77
CA GLY B 273 -18.22 -25.67 -3.07
C GLY B 273 -17.35 -24.43 -3.01
N ILE B 274 -16.47 -24.34 -2.01
CA ILE B 274 -15.57 -23.19 -1.91
C ILE B 274 -14.67 -23.12 -3.12
N PHE B 275 -14.07 -24.25 -3.51
CA PHE B 275 -13.19 -24.26 -4.66
C PHE B 275 -13.93 -23.85 -5.93
N ALA B 276 -15.11 -24.43 -6.16
CA ALA B 276 -15.87 -24.13 -7.36
C ALA B 276 -16.29 -22.66 -7.39
N GLY B 277 -16.74 -22.13 -6.26
CA GLY B 277 -17.15 -20.73 -6.22
C GLY B 277 -16.00 -19.78 -6.47
N SER B 278 -14.85 -20.05 -5.87
CA SER B 278 -13.68 -19.20 -6.10
C SER B 278 -13.26 -19.23 -7.57
N PHE B 279 -13.22 -20.43 -8.16
CA PHE B 279 -12.85 -20.54 -9.57
C PHE B 279 -13.85 -19.81 -10.45
N ALA B 280 -15.14 -19.96 -10.15
CA ALA B 280 -16.16 -19.29 -10.96
C ALA B 280 -16.06 -17.77 -10.85
N MET B 281 -15.82 -17.25 -9.65
CA MET B 281 -15.68 -15.81 -9.49
C MET B 281 -14.48 -15.29 -10.25
N GLY B 282 -13.34 -15.97 -10.12
CA GLY B 282 -12.16 -15.53 -10.85
C GLY B 282 -12.36 -15.54 -12.35
N SER B 283 -12.92 -16.63 -12.88
CA SER B 283 -13.16 -16.72 -14.31
C SER B 283 -14.15 -15.66 -14.77
N ALA B 284 -15.21 -15.42 -13.98
CA ALA B 284 -16.21 -14.42 -14.37
C ALA B 284 -15.59 -13.03 -14.45
N TYR B 285 -14.79 -12.66 -13.45
CA TYR B 285 -14.14 -11.35 -13.49
C TYR B 285 -13.17 -11.25 -14.66
N ALA B 286 -12.45 -12.35 -14.94
CA ALA B 286 -11.49 -12.33 -16.04
C ALA B 286 -12.18 -12.12 -17.38
N VAL B 287 -13.27 -12.87 -17.63
CA VAL B 287 -13.99 -12.67 -18.89
C VAL B 287 -14.67 -11.32 -18.93
N VAL B 288 -15.07 -10.78 -17.77
CA VAL B 288 -15.67 -9.45 -17.76
C VAL B 288 -14.67 -8.40 -18.22
N THR B 289 -13.46 -8.42 -17.64
CA THR B 289 -12.47 -7.44 -18.05
C THR B 289 -11.99 -7.69 -19.47
N ALA B 290 -11.93 -8.95 -19.91
CA ALA B 290 -11.55 -9.23 -21.29
C ALA B 290 -12.57 -8.66 -22.28
N LEU B 291 -13.85 -8.85 -21.99
CA LEU B 291 -14.89 -8.30 -22.85
C LEU B 291 -14.87 -6.77 -22.83
N LEU B 292 -14.64 -6.19 -21.65
CA LEU B 292 -14.57 -4.73 -21.56
C LEU B 292 -13.42 -4.19 -22.40
N THR B 293 -12.26 -4.83 -22.34
CA THR B 293 -11.12 -4.39 -23.16
C THR B 293 -11.38 -4.60 -24.64
N LYS B 294 -12.02 -5.71 -25.00
CA LYS B 294 -12.22 -6.02 -26.42
C LYS B 294 -13.23 -5.07 -27.05
N PHE B 295 -14.36 -4.82 -26.39
CA PHE B 295 -15.41 -4.02 -27.01
C PHE B 295 -15.00 -2.55 -27.12
N THR B 296 -14.35 -2.01 -26.09
CA THR B 296 -13.96 -0.61 -26.09
C THR B 296 -12.70 -0.41 -26.93
N LYS B 297 -12.29 0.84 -27.07
CA LYS B 297 -11.07 1.17 -27.80
C LYS B 297 -10.06 1.86 -26.88
N LEU B 298 -9.87 1.31 -25.69
CA LEU B 298 -8.97 1.87 -24.67
C LEU B 298 -7.50 1.68 -25.01
N CYS B 299 -7.15 1.17 -26.19
CA CYS B 299 -5.75 0.95 -26.52
C CYS B 299 -4.96 2.24 -26.70
N GLU B 300 -5.63 3.38 -26.80
CA GLU B 300 -4.95 4.66 -26.99
C GLU B 300 -4.59 5.36 -25.69
N PHE B 301 -5.03 4.84 -24.55
CA PHE B 301 -4.76 5.44 -23.25
C PHE B 301 -4.24 4.36 -22.31
N PRO B 302 -2.92 4.15 -22.28
CA PRO B 302 -2.38 3.08 -21.43
C PRO B 302 -2.71 3.23 -19.96
N MET B 303 -2.73 4.47 -19.45
CA MET B 303 -3.02 4.68 -18.03
C MET B 303 -4.43 4.20 -17.68
N LEU B 304 -5.40 4.53 -18.51
CA LEU B 304 -6.79 4.17 -18.21
C LEU B 304 -6.97 2.66 -18.19
N GLU B 305 -6.44 1.96 -19.19
CA GLU B 305 -6.62 0.52 -19.24
C GLU B 305 -5.82 -0.19 -18.16
N THR B 306 -4.63 0.32 -17.83
CA THR B 306 -3.86 -0.27 -16.74
C THR B 306 -4.59 -0.10 -15.41
N GLY B 307 -5.14 1.09 -15.15
CA GLY B 307 -5.91 1.29 -13.94
C GLY B 307 -7.15 0.41 -13.89
N LEU B 308 -7.84 0.28 -15.03
CA LEU B 308 -9.00 -0.61 -15.08
C LEU B 308 -8.61 -2.05 -14.77
N PHE B 309 -7.50 -2.52 -15.35
CA PHE B 309 -7.02 -3.86 -15.10
C PHE B 309 -6.75 -4.08 -13.61
N PHE B 310 -5.97 -3.18 -13.00
CA PHE B 310 -5.61 -3.34 -11.60
C PHE B 310 -6.85 -3.28 -10.71
N LEU B 311 -7.75 -2.32 -10.98
CA LEU B 311 -8.95 -2.17 -10.17
C LEU B 311 -9.86 -3.38 -10.30
N LEU B 312 -9.97 -3.94 -11.50
CA LEU B 312 -10.82 -5.11 -11.69
C LEU B 312 -10.23 -6.32 -10.97
N SER B 313 -8.90 -6.49 -11.00
CA SER B 313 -8.29 -7.58 -10.26
C SER B 313 -8.53 -7.44 -8.76
N TRP B 314 -8.33 -6.23 -8.23
CA TRP B 314 -8.54 -6.00 -6.81
C TRP B 314 -10.00 -6.20 -6.43
N SER B 315 -10.92 -5.78 -7.30
CA SER B 315 -12.34 -5.97 -7.04
C SER B 315 -12.72 -7.44 -7.08
N ALA B 316 -12.10 -8.21 -7.96
CA ALA B 316 -12.31 -9.66 -7.97
C ALA B 316 -11.88 -10.26 -6.64
N PHE B 317 -10.69 -9.88 -6.16
CA PHE B 317 -10.23 -10.38 -4.87
C PHE B 317 -11.19 -10.01 -3.75
N LEU B 318 -11.63 -8.75 -3.73
CA LEU B 318 -12.49 -8.28 -2.64
C LEU B 318 -13.86 -8.94 -2.68
N SER B 319 -14.40 -9.15 -3.88
CA SER B 319 -15.70 -9.81 -4.00
C SER B 319 -15.60 -11.28 -3.63
N ALA B 320 -14.49 -11.93 -3.97
CA ALA B 320 -14.29 -13.31 -3.52
C ALA B 320 -14.18 -13.39 -2.02
N GLU B 321 -13.49 -12.43 -1.39
CA GLU B 321 -13.36 -12.45 0.06
C GLU B 321 -14.68 -12.15 0.75
N ALA B 322 -15.46 -11.22 0.21
CA ALA B 322 -16.69 -10.80 0.88
C ALA B 322 -17.79 -11.84 0.77
N ALA B 323 -17.75 -12.66 -0.29
CA ALA B 323 -18.77 -13.69 -0.48
C ALA B 323 -18.63 -14.84 0.52
N GLY B 324 -17.54 -14.89 1.28
CA GLY B 324 -17.30 -15.97 2.21
C GLY B 324 -16.36 -17.04 1.70
N LEU B 325 -15.85 -16.91 0.48
CA LEU B 325 -14.95 -17.90 -0.10
C LEU B 325 -13.50 -17.50 0.19
N THR B 326 -12.57 -18.18 -0.46
CA THR B 326 -11.14 -17.90 -0.30
C THR B 326 -10.67 -17.02 -1.46
N GLY B 327 -10.04 -15.89 -1.13
CA GLY B 327 -9.61 -14.96 -2.15
C GLY B 327 -8.31 -15.33 -2.85
N ILE B 328 -7.48 -16.17 -2.22
CA ILE B 328 -6.18 -16.50 -2.81
C ILE B 328 -6.36 -17.32 -4.08
N VAL B 329 -7.16 -18.39 -4.00
CA VAL B 329 -7.36 -19.26 -5.15
C VAL B 329 -8.13 -18.51 -6.25
N ALA B 330 -9.09 -17.67 -5.86
CA ALA B 330 -9.80 -16.86 -6.84
C ALA B 330 -8.86 -15.91 -7.55
N VAL B 331 -7.94 -15.30 -6.81
CA VAL B 331 -6.95 -14.41 -7.42
C VAL B 331 -6.06 -15.19 -8.38
N LEU B 332 -5.63 -16.38 -7.97
CA LEU B 332 -4.80 -17.21 -8.84
C LEU B 332 -5.50 -17.52 -10.16
N PHE B 333 -6.77 -17.96 -10.08
CA PHE B 333 -7.49 -18.34 -11.28
C PHE B 333 -7.80 -17.13 -12.15
N CYS B 334 -8.16 -16.00 -11.52
CA CYS B 334 -8.38 -14.78 -12.28
C CYS B 334 -7.11 -14.35 -13.00
N GLY B 335 -5.96 -14.46 -12.34
CA GLY B 335 -4.71 -14.09 -12.97
C GLY B 335 -4.35 -14.98 -14.14
N VAL B 336 -4.52 -16.29 -13.99
CA VAL B 336 -4.17 -17.19 -15.09
C VAL B 336 -5.13 -16.97 -16.26
N THR B 337 -6.42 -16.78 -15.99
CA THR B 337 -7.37 -16.54 -17.08
C THR B 337 -7.10 -15.21 -17.76
N GLN B 338 -6.71 -14.19 -16.99
CA GLN B 338 -6.36 -12.90 -17.58
C GLN B 338 -5.15 -13.01 -18.47
N ALA B 339 -4.09 -13.66 -17.99
CA ALA B 339 -2.91 -13.88 -18.82
C ALA B 339 -3.24 -14.70 -20.05
N HIS B 340 -4.25 -15.57 -19.97
CA HIS B 340 -4.63 -16.36 -21.14
C HIS B 340 -5.37 -15.51 -22.17
N TYR B 341 -6.31 -14.67 -21.73
CA TYR B 341 -7.23 -14.00 -22.65
C TYR B 341 -6.89 -12.53 -22.88
N THR B 342 -6.81 -11.73 -21.81
CA THR B 342 -6.71 -10.28 -21.96
C THR B 342 -5.36 -9.86 -22.50
N TYR B 343 -4.30 -10.62 -22.21
CA TYR B 343 -2.96 -10.23 -22.61
C TYR B 343 -2.83 -10.05 -24.12
N ASN B 344 -3.69 -10.70 -24.90
CA ASN B 344 -3.66 -10.57 -26.34
C ASN B 344 -4.44 -9.36 -26.85
N ASN B 345 -5.09 -8.61 -25.95
CA ASN B 345 -5.89 -7.45 -26.34
C ASN B 345 -5.28 -6.12 -25.92
N LEU B 346 -4.41 -6.10 -24.93
CA LEU B 346 -3.83 -4.86 -24.45
C LEU B 346 -2.84 -4.30 -25.45
N SER B 347 -2.54 -3.00 -25.31
CA SER B 347 -1.54 -2.37 -26.14
C SER B 347 -0.15 -2.84 -25.74
N LEU B 348 0.80 -2.65 -26.65
CA LEU B 348 2.16 -3.14 -26.42
C LEU B 348 2.81 -2.50 -25.20
N ASP B 349 2.30 -1.36 -24.77
CA ASP B 349 2.89 -0.65 -23.63
C ASP B 349 2.25 -1.12 -22.33
N SER B 350 0.94 -1.36 -22.36
CA SER B 350 0.23 -1.78 -21.14
C SER B 350 0.72 -3.14 -20.65
N LYS B 351 1.07 -4.04 -21.58
CA LYS B 351 1.60 -5.34 -21.17
C LYS B 351 2.86 -5.17 -20.34
N MET B 352 3.80 -4.36 -20.84
CA MET B 352 5.04 -4.11 -20.11
C MET B 352 4.76 -3.44 -18.77
N ARG B 353 3.86 -2.45 -18.76
CA ARG B 353 3.52 -1.79 -17.50
C ARG B 353 3.02 -2.79 -16.46
N THR B 354 2.02 -3.58 -16.84
CA THR B 354 1.42 -4.52 -15.90
C THR B 354 2.44 -5.55 -15.43
N LYS B 355 3.21 -6.12 -16.36
CA LYS B 355 4.18 -7.15 -15.99
C LYS B 355 5.22 -6.59 -15.03
N GLN B 356 5.81 -5.44 -15.36
CA GLN B 356 6.86 -4.88 -14.52
C GLN B 356 6.31 -4.49 -13.15
N LEU B 357 5.13 -3.85 -13.11
CA LEU B 357 4.57 -3.43 -11.84
C LEU B 357 4.27 -4.63 -10.95
N PHE B 358 3.66 -5.67 -11.52
CA PHE B 358 3.30 -6.82 -10.70
C PHE B 358 4.53 -7.59 -10.24
N GLU B 359 5.55 -7.70 -11.09
CA GLU B 359 6.76 -8.40 -10.66
C GLU B 359 7.51 -7.61 -9.58
N PHE B 360 7.50 -6.27 -9.67
CA PHE B 360 8.11 -5.47 -8.61
C PHE B 360 7.35 -5.63 -7.30
N MET B 361 6.01 -5.61 -7.37
CA MET B 361 5.21 -5.80 -6.16
C MET B 361 5.47 -7.17 -5.55
N ASN B 362 5.55 -8.20 -6.38
CA ASN B 362 5.83 -9.54 -5.87
C ASN B 362 7.20 -9.62 -5.21
N PHE B 363 8.21 -9.03 -5.85
CA PHE B 363 9.56 -9.04 -5.27
C PHE B 363 9.56 -8.36 -3.91
N LEU B 364 8.98 -7.17 -3.83
CA LEU B 364 8.97 -6.43 -2.57
C LEU B 364 8.20 -7.20 -1.49
N ALA B 365 7.04 -7.76 -1.86
CA ALA B 365 6.23 -8.49 -0.88
C ALA B 365 6.96 -9.72 -0.36
N GLU B 366 7.59 -10.49 -1.25
CA GLU B 366 8.27 -11.70 -0.81
C GLU B 366 9.50 -11.35 0.03
N ASN B 367 10.21 -10.27 -0.33
CA ASN B 367 11.35 -9.86 0.49
C ASN B 367 10.91 -9.44 1.89
N VAL B 368 9.83 -8.67 1.97
CA VAL B 368 9.32 -8.25 3.29
C VAL B 368 8.87 -9.47 4.09
N ILE B 369 8.20 -10.41 3.42
CA ILE B 369 7.71 -11.61 4.09
C ILE B 369 8.87 -12.40 4.68
N PHE B 370 9.93 -12.62 3.89
CA PHE B 370 11.04 -13.40 4.39
C PHE B 370 11.83 -12.66 5.46
N CYS B 371 11.94 -11.33 5.34
CA CYS B 371 12.61 -10.56 6.38
C CYS B 371 11.86 -10.63 7.70
N TYR B 372 10.53 -10.57 7.65
CA TYR B 372 9.75 -10.70 8.87
C TYR B 372 9.83 -12.13 9.42
N MET B 373 9.89 -13.12 8.53
CA MET B 373 10.00 -14.50 8.96
C MET B 373 11.33 -14.74 9.68
N GLY B 374 12.39 -14.03 9.28
CA GLY B 374 13.67 -14.17 9.95
C GLY B 374 13.66 -13.73 11.40
N LEU B 375 12.63 -13.00 11.84
CA LEU B 375 12.54 -12.55 13.22
C LEU B 375 11.91 -13.65 14.05
N ALA B 376 12.74 -14.38 14.79
CA ALA B 376 12.28 -15.48 15.64
C ALA B 376 12.30 -15.15 17.12
N LEU B 377 12.97 -14.08 17.53
CA LEU B 377 13.06 -13.70 18.94
C LEU B 377 11.97 -12.73 19.36
N PHE B 378 11.15 -12.24 18.42
CA PHE B 378 10.11 -11.28 18.76
C PHE B 378 8.90 -11.92 19.43
N THR B 379 8.68 -13.22 19.22
CA THR B 379 7.56 -13.91 19.85
C THR B 379 7.95 -14.33 21.26
N PHE B 380 7.27 -13.75 22.25
CA PHE B 380 7.61 -14.05 23.65
C PHE B 380 7.09 -15.41 24.07
N GLN B 381 5.92 -15.81 23.57
CA GLN B 381 5.31 -17.08 23.95
C GLN B 381 5.75 -18.22 23.04
N ASN B 382 7.07 -18.36 22.87
CA ASN B 382 7.61 -19.45 22.07
C ASN B 382 7.75 -20.71 22.91
N HIS B 383 7.63 -21.85 22.25
CA HIS B 383 7.66 -23.16 22.89
C HIS B 383 8.69 -24.06 22.22
N ILE B 384 9.89 -23.53 22.00
CA ILE B 384 10.96 -24.29 21.36
C ILE B 384 11.56 -25.25 22.38
N PHE B 385 10.97 -26.44 22.47
CA PHE B 385 11.44 -27.48 23.38
C PHE B 385 10.87 -28.81 22.90
N ASN B 386 11.10 -29.86 23.69
CA ASN B 386 10.65 -31.22 23.38
C ASN B 386 11.17 -31.66 22.02
N ALA B 387 12.48 -31.88 21.99
CA ALA B 387 13.18 -32.20 20.75
C ALA B 387 12.64 -33.45 20.07
N LEU B 388 11.96 -34.33 20.81
CA LEU B 388 11.35 -35.49 20.19
C LEU B 388 10.28 -35.08 19.19
N PHE B 389 9.53 -34.02 19.49
CA PHE B 389 8.54 -33.50 18.54
C PHE B 389 9.22 -33.00 17.27
N ILE B 390 10.34 -32.28 17.42
CA ILE B 390 11.06 -31.77 16.27
C ILE B 390 11.60 -32.91 15.42
N LEU B 391 12.16 -33.94 16.07
CA LEU B 391 12.66 -35.10 15.34
C LEU B 391 11.53 -35.82 14.61
N GLY B 392 10.37 -35.95 15.26
CA GLY B 392 9.23 -36.58 14.61
C GLY B 392 8.78 -35.81 13.39
N ALA B 393 8.70 -34.48 13.49
CA ALA B 393 8.33 -33.67 12.33
C ALA B 393 9.37 -33.77 11.23
N PHE B 394 10.66 -33.80 11.61
CA PHE B 394 11.73 -33.88 10.63
C PHE B 394 11.64 -35.19 9.84
N LEU B 395 11.40 -36.30 10.54
CA LEU B 395 11.23 -37.58 9.84
C LEU B 395 9.95 -37.60 9.02
N ALA B 396 8.88 -36.98 9.55
CA ALA B 396 7.58 -37.04 8.89
C ALA B 396 7.60 -36.30 7.57
N ILE B 397 8.20 -35.10 7.53
CA ILE B 397 8.22 -34.34 6.28
C ILE B 397 9.01 -35.10 5.21
N PHE B 398 10.13 -35.71 5.60
CA PHE B 398 10.95 -36.45 4.64
C PHE B 398 10.20 -37.66 4.11
N VAL B 399 9.57 -38.44 5.00
CA VAL B 399 8.88 -39.64 4.53
C VAL B 399 7.65 -39.28 3.71
N ALA B 400 6.98 -38.16 4.06
CA ALA B 400 5.83 -37.72 3.27
C ALA B 400 6.27 -37.30 1.88
N ARG B 401 7.36 -36.54 1.77
CA ARG B 401 7.87 -36.17 0.46
C ARG B 401 8.31 -37.39 -0.33
N ALA B 402 8.86 -38.40 0.35
CA ALA B 402 9.26 -39.63 -0.34
C ALA B 402 8.05 -40.37 -0.91
N CYS B 403 7.00 -40.53 -0.09
CA CYS B 403 5.81 -41.22 -0.55
C CYS B 403 4.95 -40.38 -1.49
N ASN B 404 5.21 -39.08 -1.58
CA ASN B 404 4.43 -38.22 -2.47
C ASN B 404 4.79 -38.44 -3.93
N ILE B 405 6.07 -38.57 -4.24
CA ILE B 405 6.54 -38.51 -5.63
C ILE B 405 6.52 -39.89 -6.27
N TYR B 406 7.29 -40.82 -5.71
CA TYR B 406 7.57 -42.09 -6.39
C TYR B 406 6.31 -42.89 -6.73
N PRO B 407 5.35 -43.10 -5.83
CA PRO B 407 4.15 -43.86 -6.23
C PRO B 407 3.35 -43.16 -7.31
N LEU B 408 3.11 -41.86 -7.16
CA LEU B 408 2.36 -41.12 -8.17
C LEU B 408 3.16 -41.03 -9.47
N SER B 409 4.49 -40.91 -9.37
CA SER B 409 5.31 -40.89 -10.57
C SER B 409 5.19 -42.20 -11.34
N PHE B 410 5.22 -43.34 -10.62
CA PHE B 410 5.06 -44.63 -11.28
C PHE B 410 3.67 -44.77 -11.88
N LEU B 411 2.64 -44.32 -11.16
CA LEU B 411 1.28 -44.41 -11.68
C LEU B 411 1.12 -43.59 -12.96
N LEU B 412 1.73 -42.40 -13.00
CA LEU B 412 1.68 -41.59 -14.21
C LEU B 412 2.50 -42.22 -15.32
N ASN B 413 3.64 -42.83 -14.97
CA ASN B 413 4.47 -43.49 -15.98
C ASN B 413 3.80 -44.72 -16.57
N LEU B 414 2.85 -45.31 -15.85
CA LEU B 414 2.06 -46.41 -16.44
C LEU B 414 1.37 -45.95 -17.72
N GLY B 415 0.49 -44.95 -17.61
CA GLY B 415 -0.10 -44.34 -18.77
C GLY B 415 0.63 -43.10 -19.21
N ARG B 416 1.95 -43.21 -19.38
CA ARG B 416 2.77 -42.06 -19.69
C ARG B 416 2.49 -41.53 -21.09
N LYS B 417 2.62 -40.21 -21.24
CA LYS B 417 2.39 -39.56 -22.53
C LYS B 417 3.65 -39.61 -23.39
N HIS B 418 4.22 -40.80 -23.55
CA HIS B 418 5.41 -41.04 -24.38
C HIS B 418 6.62 -40.22 -23.94
N LYS B 419 6.60 -39.69 -22.72
CA LYS B 419 7.71 -38.89 -22.18
C LYS B 419 7.93 -39.33 -20.74
N ILE B 420 8.81 -40.30 -20.54
CA ILE B 420 9.08 -40.86 -19.22
C ILE B 420 9.99 -39.92 -18.45
N PRO B 421 9.53 -39.34 -17.33
CA PRO B 421 10.39 -38.45 -16.52
C PRO B 421 11.14 -39.20 -15.41
N TRP B 422 12.15 -39.96 -15.82
CA TRP B 422 12.98 -40.70 -14.88
C TRP B 422 14.28 -39.95 -14.65
N ASN B 423 14.76 -39.99 -13.39
CA ASN B 423 15.89 -39.30 -12.78
C ASN B 423 15.52 -37.87 -12.36
N PHE B 424 14.33 -37.38 -12.72
CA PHE B 424 13.88 -36.08 -12.27
C PHE B 424 13.18 -36.14 -10.92
N GLN B 425 12.76 -37.33 -10.48
CA GLN B 425 12.07 -37.46 -9.21
C GLN B 425 12.99 -37.12 -8.04
N HIS B 426 14.29 -37.37 -8.19
CA HIS B 426 15.23 -37.02 -7.12
C HIS B 426 15.33 -35.50 -6.94
N MET B 427 15.25 -34.74 -8.04
CA MET B 427 15.25 -33.29 -7.92
C MET B 427 14.00 -32.81 -7.19
N MET B 428 12.84 -33.40 -7.48
CA MET B 428 11.64 -33.06 -6.74
C MET B 428 11.75 -33.46 -5.28
N MET B 429 12.45 -34.57 -5.00
CA MET B 429 12.71 -34.95 -3.62
C MET B 429 13.55 -33.90 -2.90
N PHE B 430 14.60 -33.41 -3.57
CA PHE B 430 15.47 -32.42 -2.94
C PHE B 430 14.74 -31.10 -2.71
N SER B 431 13.90 -30.68 -3.67
CA SER B 431 13.17 -29.43 -3.56
C SER B 431 11.98 -29.64 -2.65
N GLY B 432 12.17 -29.36 -1.36
CA GLY B 432 11.12 -29.52 -0.37
C GLY B 432 11.02 -28.35 0.58
N LEU B 433 11.29 -27.15 0.08
CA LEU B 433 11.26 -25.96 0.91
C LEU B 433 9.82 -25.63 1.32
N ARG B 434 9.71 -24.93 2.45
CA ARG B 434 8.44 -24.43 2.95
C ARG B 434 8.42 -22.91 2.87
N GLY B 435 7.40 -22.37 2.23
CA GLY B 435 7.31 -20.95 1.95
C GLY B 435 6.50 -20.19 2.98
N ALA B 436 5.88 -19.10 2.53
CA ALA B 436 5.14 -18.22 3.41
C ALA B 436 3.77 -18.77 3.80
N CYS B 437 3.23 -19.71 3.02
CA CYS B 437 1.88 -20.20 3.29
C CYS B 437 1.84 -20.93 4.63
N ALA B 438 2.78 -21.85 4.86
CA ALA B 438 2.80 -22.59 6.12
C ALA B 438 3.06 -21.66 7.30
N PHE B 439 3.97 -20.71 7.15
CA PHE B 439 4.26 -19.77 8.23
C PHE B 439 3.04 -18.93 8.56
N ALA B 440 2.33 -18.44 7.55
CA ALA B 440 1.14 -17.64 7.80
C ALA B 440 0.04 -18.46 8.44
N LEU B 441 -0.17 -19.70 7.96
CA LEU B 441 -1.19 -20.55 8.57
C LEU B 441 -0.86 -20.91 10.00
N ALA B 442 0.44 -21.02 10.33
CA ALA B 442 0.82 -21.28 11.71
C ALA B 442 0.63 -20.05 12.58
N ILE B 443 0.99 -18.87 12.05
CA ILE B 443 0.86 -17.63 12.83
C ILE B 443 -0.58 -17.16 12.95
N ARG B 444 -1.50 -17.71 12.15
CA ARG B 444 -2.89 -17.27 12.23
C ARG B 444 -3.49 -17.56 13.60
N ASP B 445 -3.20 -18.74 14.15
CA ASP B 445 -3.75 -19.16 15.44
C ASP B 445 -2.64 -19.11 16.50
N THR B 446 -2.98 -18.54 17.65
CA THR B 446 -2.02 -18.38 18.75
C THR B 446 -2.73 -18.72 20.05
N GLU B 447 -2.14 -18.27 21.17
CA GLU B 447 -2.63 -18.49 22.54
C GLU B 447 -3.15 -19.91 22.73
N SER B 448 -2.26 -20.87 22.48
CA SER B 448 -2.56 -22.28 22.68
C SER B 448 -1.26 -23.05 22.66
N GLN B 449 -1.05 -23.88 23.68
CA GLN B 449 0.22 -24.63 23.78
C GLN B 449 0.47 -25.52 22.59
N PRO B 450 -0.47 -26.37 22.14
CA PRO B 450 -0.19 -27.15 20.91
C PRO B 450 0.05 -26.28 19.70
N LYS B 451 -0.73 -25.21 19.53
CA LYS B 451 -0.55 -24.34 18.37
C LYS B 451 0.82 -23.68 18.41
N GLN B 452 1.25 -23.23 19.58
CA GLN B 452 2.59 -22.67 19.71
C GLN B 452 3.66 -23.72 19.40
N MET B 453 3.43 -24.96 19.82
CA MET B 453 4.37 -26.04 19.51
C MET B 453 4.53 -26.22 18.00
N MET B 454 3.40 -26.33 17.29
CA MET B 454 3.51 -26.49 15.84
C MET B 454 4.11 -25.27 15.17
N PHE B 455 3.80 -24.07 15.66
CA PHE B 455 4.38 -22.87 15.07
C PHE B 455 5.89 -22.86 15.22
N SER B 456 6.38 -23.18 16.42
CA SER B 456 7.82 -23.21 16.65
C SER B 456 8.50 -24.29 15.81
N THR B 457 7.88 -25.48 15.72
CA THR B 457 8.47 -26.54 14.93
C THR B 457 8.52 -26.17 13.46
N THR B 458 7.46 -25.54 12.94
CA THR B 458 7.46 -25.11 11.54
C THR B 458 8.52 -24.04 11.30
N LEU B 459 8.68 -23.11 12.24
CA LEU B 459 9.71 -22.08 12.09
C LEU B 459 11.10 -22.71 12.03
N LEU B 460 11.37 -23.66 12.94
CA LEU B 460 12.67 -24.33 12.93
C LEU B 460 12.87 -25.12 11.65
N LEU B 461 11.82 -25.81 11.18
CA LEU B 461 11.93 -26.60 9.96
C LEU B 461 12.24 -25.72 8.77
N VAL B 462 11.57 -24.57 8.65
CA VAL B 462 11.84 -23.64 7.56
C VAL B 462 13.28 -23.14 7.67
N PHE B 463 13.67 -22.66 8.86
CA PHE B 463 15.01 -22.13 9.05
C PHE B 463 16.07 -23.13 8.62
N PHE B 464 15.88 -24.41 8.95
CA PHE B 464 16.87 -25.41 8.57
C PHE B 464 16.82 -25.71 7.08
N THR B 465 15.63 -26.07 6.57
CA THR B 465 15.54 -26.64 5.23
C THR B 465 15.85 -25.60 4.16
N VAL B 466 15.39 -24.36 4.34
CA VAL B 466 15.62 -23.34 3.31
C VAL B 466 17.11 -23.13 3.12
N TRP B 467 17.83 -22.92 4.22
CA TRP B 467 19.26 -22.66 4.13
C TRP B 467 20.01 -23.89 3.60
N VAL B 468 19.69 -25.08 4.11
CA VAL B 468 20.47 -26.25 3.73
C VAL B 468 20.26 -26.57 2.24
N PHE B 469 19.01 -26.45 1.75
CA PHE B 469 18.78 -26.77 0.36
C PHE B 469 19.25 -25.66 -0.58
N GLY B 470 19.19 -24.40 -0.15
CA GLY B 470 19.81 -23.35 -0.93
C GLY B 470 21.31 -23.54 -1.05
N GLY B 471 21.95 -24.03 0.01
CA GLY B 471 23.36 -24.34 -0.07
C GLY B 471 23.66 -25.53 -0.96
N GLY B 472 22.84 -26.57 -0.88
CA GLY B 472 23.12 -27.80 -1.59
C GLY B 472 22.47 -27.98 -2.95
N THR B 473 21.75 -26.98 -3.46
CA THR B 473 21.09 -27.13 -4.75
C THR B 473 22.10 -27.38 -5.87
N THR B 474 23.15 -26.58 -5.94
CA THR B 474 24.11 -26.71 -7.04
C THR B 474 24.84 -28.04 -7.03
N PRO B 475 25.43 -28.50 -5.92
CA PRO B 475 26.07 -29.84 -5.96
C PRO B 475 25.09 -30.95 -6.26
N MET B 476 23.85 -30.84 -5.78
CA MET B 476 22.85 -31.86 -6.08
C MET B 476 22.51 -31.87 -7.56
N LEU B 477 22.45 -30.68 -8.18
CA LEU B 477 22.22 -30.61 -9.62
C LEU B 477 23.38 -31.21 -10.39
N THR B 478 24.61 -30.93 -9.97
CA THR B 478 25.76 -31.44 -10.69
C THR B 478 25.89 -32.96 -10.53
N TRP B 479 25.50 -33.49 -9.37
CA TRP B 479 25.66 -34.91 -9.12
C TRP B 479 24.68 -35.75 -9.93
N LEU B 480 23.50 -35.20 -10.24
CA LEU B 480 22.49 -35.95 -10.98
C LEU B 480 22.66 -35.87 -12.48
N GLN B 481 23.70 -35.16 -12.97
CA GLN B 481 23.96 -35.03 -14.41
C GLN B 481 22.74 -34.45 -15.14
N ILE B 482 22.09 -33.49 -14.51
CA ILE B 482 20.93 -32.82 -15.12
C ILE B 482 21.43 -31.88 -16.19
N ARG B 483 20.78 -31.91 -17.35
CA ARG B 483 21.17 -31.04 -18.47
C ARG B 483 20.95 -29.59 -18.11
N VAL B 484 21.95 -28.76 -18.38
CA VAL B 484 21.90 -27.33 -18.09
C VAL B 484 22.27 -26.57 -19.36
N GLY B 485 21.93 -25.28 -19.36
CA GLY B 485 22.21 -24.43 -20.49
C GLY B 485 21.35 -24.66 -21.71
N VAL B 486 20.23 -25.37 -21.55
CA VAL B 486 19.35 -25.64 -22.68
C VAL B 486 18.56 -24.37 -23.02
N ASP B 487 18.65 -23.94 -24.28
CA ASP B 487 17.92 -22.76 -24.71
C ASP B 487 16.43 -23.06 -24.82
N LEU B 488 15.61 -22.14 -24.30
CA LEU B 488 14.17 -22.32 -24.35
C LEU B 488 13.66 -22.29 -25.78
N ASP B 489 14.18 -21.39 -26.61
CA ASP B 489 13.75 -21.28 -27.99
C ASP B 489 14.34 -22.41 -28.83
N LYS B 511 -3.13 -34.26 -28.34
CA LYS B 511 -4.18 -34.97 -29.05
C LYS B 511 -4.68 -36.17 -28.26
N THR B 512 -4.54 -37.36 -28.84
CA THR B 512 -4.94 -38.58 -28.16
C THR B 512 -4.09 -38.84 -26.92
N GLU B 513 -2.79 -38.53 -27.00
CA GLU B 513 -1.90 -38.80 -25.88
C GLU B 513 -2.31 -38.02 -24.63
N SER B 514 -2.87 -36.83 -24.81
CA SER B 514 -3.33 -36.02 -23.69
C SER B 514 -4.76 -36.35 -23.31
N ALA B 515 -5.04 -37.65 -23.14
CA ALA B 515 -6.33 -38.16 -22.69
C ALA B 515 -7.47 -37.81 -23.64
N TRP B 516 -7.15 -37.16 -24.76
CA TRP B 516 -8.11 -36.79 -25.81
C TRP B 516 -9.09 -35.73 -25.31
N LEU B 517 -9.05 -35.42 -24.01
CA LEU B 517 -9.91 -34.39 -23.46
C LEU B 517 -9.32 -33.00 -23.64
N PHE B 518 -8.02 -32.86 -23.42
CA PHE B 518 -7.37 -31.56 -23.57
C PHE B 518 -7.37 -31.10 -25.03
N ARG B 519 -7.26 -32.03 -25.97
CA ARG B 519 -7.38 -31.68 -27.38
C ARG B 519 -8.77 -31.13 -27.69
N MET B 520 -9.81 -31.78 -27.14
CA MET B 520 -11.17 -31.28 -27.33
C MET B 520 -11.34 -29.91 -26.70
N TRP B 521 -10.76 -29.70 -25.52
CA TRP B 521 -10.84 -28.39 -24.88
C TRP B 521 -10.15 -27.31 -25.71
N TYR B 522 -8.99 -27.64 -26.27
CA TYR B 522 -8.28 -26.70 -27.13
C TYR B 522 -9.08 -26.37 -28.38
N GLY B 523 -9.70 -27.39 -28.98
CA GLY B 523 -10.54 -27.14 -30.14
C GLY B 523 -11.74 -26.28 -29.81
N PHE B 524 -12.37 -26.52 -28.65
CA PHE B 524 -13.49 -25.70 -28.23
C PHE B 524 -13.07 -24.26 -27.97
N ASP B 525 -11.88 -24.07 -27.38
CA ASP B 525 -11.38 -22.73 -27.15
C ASP B 525 -11.12 -22.00 -28.46
N HIS B 526 -10.45 -22.67 -29.41
CA HIS B 526 -10.13 -22.06 -30.68
C HIS B 526 -11.33 -21.96 -31.62
N LYS B 527 -12.46 -22.59 -31.27
CA LYS B 527 -13.62 -22.58 -32.15
C LYS B 527 -14.60 -21.46 -31.83
N TYR B 528 -14.90 -21.24 -30.54
CA TYR B 528 -15.94 -20.30 -30.15
C TYR B 528 -15.44 -19.15 -29.30
N LEU B 529 -14.66 -19.44 -28.25
CA LEU B 529 -14.30 -18.40 -27.29
C LEU B 529 -13.29 -17.42 -27.87
N LYS B 530 -12.32 -17.92 -28.64
CA LYS B 530 -11.27 -17.05 -29.18
C LYS B 530 -11.81 -15.98 -30.12
N PRO B 531 -12.65 -16.29 -31.12
CA PRO B 531 -13.10 -15.21 -32.04
C PRO B 531 -13.90 -14.12 -31.35
N ILE B 532 -14.54 -14.40 -30.23
CA ILE B 532 -15.38 -13.39 -29.59
C ILE B 532 -14.62 -12.65 -28.49
N LEU B 533 -13.83 -13.34 -27.68
CA LEU B 533 -13.11 -12.67 -26.59
C LEU B 533 -11.90 -11.90 -27.09
N THR B 534 -11.31 -12.31 -28.21
CA THR B 534 -10.11 -11.66 -28.72
C THR B 534 -10.13 -11.76 -30.25
N HIS B 535 -8.96 -11.62 -30.86
CA HIS B 535 -8.68 -11.71 -32.30
C HIS B 535 -9.15 -10.45 -33.03
N SER B 536 -9.90 -9.56 -32.39
CA SER B 536 -10.37 -8.33 -33.01
C SER B 536 -10.10 -7.15 -32.10
N GLY B 537 -9.99 -5.96 -32.69
CA GLY B 537 -9.73 -4.76 -31.96
C GLY B 537 -8.28 -4.33 -32.05
N PRO B 538 -8.04 -3.03 -32.03
CA PRO B 538 -6.66 -2.52 -32.13
C PRO B 538 -5.88 -2.87 -30.87
N PRO B 539 -4.76 -3.60 -31.02
CA PRO B 539 -3.91 -3.99 -29.88
C PRO B 539 -2.94 -2.88 -29.48
#